data_8PR7
#
_entry.id   8PR7
#
_cell.length_a   112.580
_cell.length_b   112.580
_cell.length_c   216.310
_cell.angle_alpha   90.000
_cell.angle_beta   90.000
_cell.angle_gamma   90.000
#
_symmetry.space_group_name_H-M   'P 43 21 2'
#
loop_
_entity.id
_entity.type
_entity.pdbx_description
1 polymer 'Aurora kinase A'
2 polymer Monobody
3 polymer 'Centrosomal protein of 192 kDa'
4 non-polymer "ADENOSINE-5'-DIPHOSPHATE"
5 non-polymer GLYCEROL
6 non-polymer 'MAGNESIUM ION'
7 water water
#
loop_
_entity_poly.entity_id
_entity_poly.type
_entity_poly.pdbx_seq_one_letter_code
_entity_poly.pdbx_strand_id
1 'polypeptide(L)'
;MESKKRQWALEDFEIGRPLGKGKFGNVYLAREKQSKFILALKVLFKAQLEKAGVEHQLRREVEIQSHLRHPNILRLYGYF
HDATRVYLILEYAPLGTVYRELQKLSKFDEQRTATYITELANALSYCHSKRVIHRDIKPENLLLGSAGELKIANFGWSVH
APSSRRTTLAGTLDYLPPEMIEGRMHDEKVDLWSLGVLCYEFLVGKPPFEAATYAETYKRISRVEFAFPAFVTEGARDLI
SRLLKHNPSQRPMLREVLEHPWITANSSKPSNAQNKESASKQS
;
A,D
2 'polypeptide(L)'
;GSMGSVSSVPTKLEVVAATPTSLLISWDAPAVTVVHYVITYGETGGNSPVQEFTVPGSKSTATISGLKPGVDYTITVYAI
DFYWGSYSPISINYRT
;
B,E
3 'polypeptide(L)' GSMPQSVVYQNEEGRWVTDLAYYTSFNSKQNLNVSLSDEMNEDFRSGSEAFDLIAQDEEEFNKEHQFIQ C,F
#
# COMPACT_ATOMS: atom_id res chain seq x y z
N LYS A 4 -31.81 13.34 13.20
CA LYS A 4 -30.46 13.50 13.79
C LYS A 4 -29.41 12.97 12.80
N LYS A 5 -28.58 12.02 13.24
CA LYS A 5 -27.48 11.49 12.45
C LYS A 5 -26.87 12.58 11.56
N ARG A 6 -26.38 13.65 12.19
CA ARG A 6 -25.69 14.75 11.51
C ARG A 6 -24.26 14.34 11.08
N GLN A 7 -23.88 14.73 9.85
CA GLN A 7 -22.56 14.45 9.31
C GLN A 7 -21.64 15.64 9.62
N TRP A 8 -20.32 15.38 9.72
CA TRP A 8 -19.37 16.47 9.74
C TRP A 8 -19.43 17.24 8.43
N ALA A 9 -19.04 18.51 8.46
CA ALA A 9 -18.92 19.32 7.25
C ALA A 9 -17.85 20.39 7.44
N LEU A 10 -17.31 20.89 6.31
CA LEU A 10 -16.34 21.98 6.36
C LEU A 10 -16.88 23.18 7.16
N GLU A 11 -18.21 23.41 7.12
CA GLU A 11 -18.84 24.54 7.79
C GLU A 11 -18.67 24.50 9.31
N ASP A 12 -18.31 23.35 9.86
CA ASP A 12 -18.18 23.21 11.30
C ASP A 12 -16.85 23.80 11.77
N PHE A 13 -16.02 24.27 10.82
CA PHE A 13 -14.65 24.62 11.13
C PHE A 13 -14.30 26.01 10.64
N GLU A 14 -13.56 26.73 11.49
CA GLU A 14 -12.80 27.90 11.06
C GLU A 14 -11.46 27.37 10.59
N ILE A 15 -11.03 27.81 9.41
CA ILE A 15 -9.77 27.36 8.85
C ILE A 15 -8.77 28.49 9.01
N GLY A 16 -7.57 28.13 9.47
CA GLY A 16 -6.50 29.09 9.71
C GLY A 16 -5.30 28.85 8.79
N ARG A 17 -4.10 29.06 9.37
CA ARG A 17 -2.85 29.06 8.63
C ARG A 17 -2.48 27.60 8.34
N PRO A 18 -1.95 27.29 7.13
CA PRO A 18 -1.45 25.93 6.85
C PRO A 18 -0.32 25.55 7.79
N LEU A 19 -0.39 24.36 8.37
CA LEU A 19 0.67 23.85 9.22
C LEU A 19 1.66 23.04 8.41
N GLY A 20 1.26 22.58 7.22
CA GLY A 20 2.06 21.62 6.47
C GLY A 20 1.54 21.41 5.05
N LYS A 21 2.42 20.85 4.20
CA LYS A 21 2.12 20.58 2.81
C LYS A 21 2.73 19.20 2.54
N GLY A 22 1.92 18.26 2.04
CA GLY A 22 2.32 16.85 1.97
C GLY A 22 2.12 16.25 0.57
N LYS A 23 2.43 14.95 0.43
CA LYS A 23 2.33 14.27 -0.85
C LYS A 23 0.89 14.38 -1.34
N PHE A 24 -0.07 14.36 -0.39
CA PHE A 24 -1.47 14.16 -0.71
C PHE A 24 -2.34 15.36 -0.38
N GLY A 25 -1.81 16.33 0.36
CA GLY A 25 -2.43 17.63 0.46
C GLY A 25 -1.89 18.47 1.60
N ASN A 26 -2.69 19.42 2.07
CA ASN A 26 -2.27 20.31 3.14
C ASN A 26 -2.90 19.90 4.46
N VAL A 27 -2.18 20.20 5.55
CA VAL A 27 -2.78 20.25 6.88
C VAL A 27 -2.97 21.70 7.29
N TYR A 28 -4.15 22.03 7.85
CA TYR A 28 -4.40 23.38 8.33
C TYR A 28 -4.80 23.37 9.80
N LEU A 29 -4.34 24.39 10.53
CA LEU A 29 -4.90 24.69 11.83
C LEU A 29 -6.37 25.05 11.63
N ALA A 30 -7.20 24.55 12.55
CA ALA A 30 -8.63 24.74 12.45
C ALA A 30 -9.24 24.84 13.85
N ARG A 31 -10.48 25.36 13.90
CA ARG A 31 -11.16 25.56 15.16
C ARG A 31 -12.62 25.22 14.97
N GLU A 32 -13.09 24.25 15.77
CA GLU A 32 -14.46 23.80 15.67
C GLU A 32 -15.35 24.89 16.25
N LYS A 33 -16.49 25.15 15.60
CA LYS A 33 -17.23 26.38 15.85
C LYS A 33 -18.00 26.34 17.18
N GLN A 34 -18.77 25.28 17.43
CA GLN A 34 -19.53 25.18 18.68
C GLN A 34 -18.64 25.12 19.92
N SER A 35 -17.47 24.50 19.81
CA SER A 35 -16.72 24.13 20.99
C SER A 35 -15.40 24.87 21.05
N LYS A 36 -15.08 25.59 19.98
CA LYS A 36 -13.84 26.33 19.91
C LYS A 36 -12.66 25.43 20.27
N PHE A 37 -12.72 24.13 19.92
CA PHE A 37 -11.57 23.25 20.04
C PHE A 37 -10.60 23.53 18.90
N ILE A 38 -9.30 23.44 19.22
CA ILE A 38 -8.23 23.72 18.28
C ILE A 38 -7.73 22.40 17.74
N LEU A 39 -7.86 22.26 16.41
CA LEU A 39 -7.65 20.99 15.74
C LEU A 39 -6.73 21.19 14.56
N ALA A 40 -6.15 20.10 14.09
CA ALA A 40 -5.51 20.07 12.78
C ALA A 40 -6.47 19.40 11.81
N LEU A 41 -6.66 20.04 10.65
CA LEU A 41 -7.50 19.48 9.59
C LEU A 41 -6.63 19.14 8.38
N LYS A 42 -6.43 17.83 8.20
CA LYS A 42 -5.74 17.29 7.04
C LYS A 42 -6.71 17.14 5.88
N VAL A 43 -6.40 17.76 4.73
CA VAL A 43 -7.16 17.56 3.49
C VAL A 43 -6.29 16.75 2.53
N LEU A 44 -6.81 15.60 2.08
CA LEU A 44 -6.14 14.73 1.12
C LEU A 44 -6.93 14.79 -0.16
N PHE A 45 -6.26 14.92 -1.31
CA PHE A 45 -6.97 15.07 -2.58
C PHE A 45 -7.21 13.69 -3.18
N LYS A 46 -8.46 13.42 -3.58
CA LYS A 46 -8.85 12.06 -3.94
C LYS A 46 -8.13 11.62 -5.21
N ALA A 47 -7.95 12.54 -6.16
CA ALA A 47 -7.15 12.35 -7.36
C ALA A 47 -5.85 11.60 -7.10
N GLN A 48 -5.10 12.08 -6.11
CA GLN A 48 -3.73 11.62 -5.89
C GLN A 48 -3.75 10.32 -5.08
N LEU A 49 -4.80 10.18 -4.27
CA LEU A 49 -5.01 8.97 -3.49
C LEU A 49 -5.27 7.81 -4.43
N GLU A 50 -6.07 8.08 -5.48
CA GLU A 50 -6.35 7.09 -6.51
C GLU A 50 -5.06 6.84 -7.29
N LYS A 51 -4.38 7.92 -7.73
CA LYS A 51 -3.16 7.78 -8.51
C LYS A 51 -2.19 6.80 -7.84
N ALA A 52 -1.98 6.99 -6.53
CA ALA A 52 -0.97 6.24 -5.79
C ALA A 52 -1.57 4.96 -5.21
N GLY A 53 -2.87 4.76 -5.46
CA GLY A 53 -3.63 3.60 -5.00
C GLY A 53 -3.53 3.34 -3.50
N VAL A 54 -3.78 4.33 -2.65
CA VAL A 54 -3.65 4.09 -1.21
C VAL A 54 -4.99 4.30 -0.50
N GLU A 55 -6.07 4.62 -1.24
CA GLU A 55 -7.37 4.87 -0.65
C GLU A 55 -7.77 3.72 0.28
N HIS A 56 -7.55 2.46 -0.12
CA HIS A 56 -7.83 1.30 0.71
C HIS A 56 -7.03 1.33 2.01
N GLN A 57 -5.72 1.61 1.93
CA GLN A 57 -4.86 1.60 3.09
C GLN A 57 -5.34 2.66 4.07
N LEU A 58 -5.68 3.82 3.52
CA LEU A 58 -6.12 4.93 4.34
C LEU A 58 -7.38 4.55 5.10
N ARG A 59 -8.42 4.09 4.39
CA ARG A 59 -9.70 3.78 4.99
C ARG A 59 -9.56 2.80 6.16
N ARG A 60 -8.63 1.85 6.01
CA ARG A 60 -8.43 0.81 7.00
C ARG A 60 -7.78 1.37 8.25
N GLU A 61 -6.82 2.28 8.06
CA GLU A 61 -6.05 2.86 9.15
C GLU A 61 -6.89 3.85 9.96
N VAL A 62 -7.87 4.49 9.29
CA VAL A 62 -8.85 5.35 9.94
C VAL A 62 -9.72 4.53 10.90
N GLU A 63 -10.15 3.34 10.45
CA GLU A 63 -10.91 2.46 11.32
C GLU A 63 -10.04 2.02 12.49
N ILE A 64 -8.74 1.79 12.24
CA ILE A 64 -7.87 1.31 13.30
C ILE A 64 -7.66 2.41 14.34
N GLN A 65 -7.30 3.62 13.88
CA GLN A 65 -7.04 4.71 14.82
C GLN A 65 -8.29 5.03 15.64
N SER A 66 -9.50 4.77 15.14
CA SER A 66 -10.70 5.04 15.92
C SER A 66 -10.77 4.26 17.24
N HIS A 67 -10.04 3.15 17.38
CA HIS A 67 -10.14 2.33 18.58
C HIS A 67 -8.93 2.55 19.50
N LEU A 68 -8.01 3.46 19.15
CA LEU A 68 -6.78 3.62 19.94
C LEU A 68 -6.81 4.95 20.67
N ARG A 69 -6.84 4.91 22.02
CA ARG A 69 -6.73 6.15 22.76
C ARG A 69 -5.52 6.03 23.69
N HIS A 70 -4.50 6.90 23.49
CA HIS A 70 -3.29 6.93 24.32
C HIS A 70 -2.64 8.30 24.18
N PRO A 71 -2.06 8.87 25.27
CA PRO A 71 -1.41 10.17 25.19
C PRO A 71 -0.26 10.26 24.19
N ASN A 72 0.32 9.13 23.77
CA ASN A 72 1.44 9.15 22.85
C ASN A 72 1.01 8.72 21.44
N ILE A 73 -0.29 8.64 21.19
CA ILE A 73 -0.81 8.35 19.87
C ILE A 73 -1.70 9.50 19.43
N LEU A 74 -1.45 10.04 18.22
CA LEU A 74 -2.22 11.18 17.74
C LEU A 74 -3.67 10.77 17.58
N ARG A 75 -4.55 11.66 18.01
CA ARG A 75 -5.96 11.35 18.14
C ARG A 75 -6.60 11.72 16.80
N LEU A 76 -7.37 10.77 16.25
CA LEU A 76 -8.31 11.06 15.18
C LEU A 76 -9.71 11.23 15.78
N TYR A 77 -10.37 12.34 15.43
CA TYR A 77 -11.66 12.70 15.99
C TYR A 77 -12.78 12.48 14.97
N GLY A 78 -12.44 12.48 13.67
CA GLY A 78 -13.44 12.31 12.65
C GLY A 78 -12.86 12.40 11.24
N TYR A 79 -13.75 12.22 10.26
CA TYR A 79 -13.42 12.20 8.87
C TYR A 79 -14.70 12.45 8.08
N PHE A 80 -14.56 13.06 6.91
CA PHE A 80 -15.67 13.37 6.02
C PHE A 80 -15.10 13.59 4.63
N HIS A 81 -15.96 13.78 3.63
CA HIS A 81 -15.43 13.93 2.27
C HIS A 81 -16.30 14.84 1.41
N ASP A 82 -15.76 15.13 0.23
CA ASP A 82 -16.26 16.06 -0.77
C ASP A 82 -16.13 15.32 -2.10
N ALA A 83 -16.51 15.97 -3.20
CA ALA A 83 -16.18 15.41 -4.50
C ALA A 83 -14.67 15.22 -4.64
N THR A 84 -13.83 16.05 -3.99
CA THR A 84 -12.43 16.02 -4.35
C THR A 84 -11.50 15.70 -3.20
N ARG A 85 -12.04 15.59 -1.96
CA ARG A 85 -11.14 15.40 -0.83
C ARG A 85 -11.70 14.53 0.27
N VAL A 86 -10.81 13.75 0.88
CA VAL A 86 -11.06 13.20 2.19
C VAL A 86 -10.47 14.16 3.21
N TYR A 87 -11.20 14.40 4.30
CA TYR A 87 -10.75 15.25 5.38
C TYR A 87 -10.55 14.49 6.69
N LEU A 88 -9.42 14.72 7.38
CA LEU A 88 -9.24 14.14 8.71
C LEU A 88 -9.17 15.21 9.79
N ILE A 89 -9.97 15.05 10.84
CA ILE A 89 -9.88 15.90 12.01
C ILE A 89 -8.93 15.30 13.05
N LEU A 90 -7.76 15.94 13.22
CA LEU A 90 -6.71 15.40 14.07
C LEU A 90 -6.41 16.33 15.24
N GLU A 91 -5.89 15.72 16.31
CA GLU A 91 -5.20 16.43 17.36
C GLU A 91 -4.08 17.30 16.78
N TYR A 92 -4.02 18.56 17.23
CA TYR A 92 -2.99 19.51 16.83
C TYR A 92 -1.69 19.23 17.58
N ALA A 93 -0.60 18.99 16.85
CA ALA A 93 0.70 18.81 17.49
C ALA A 93 1.58 20.04 17.21
N PRO A 94 1.67 20.97 18.17
CA PRO A 94 2.21 22.29 17.87
C PRO A 94 3.73 22.40 17.73
N LEU A 95 4.49 21.32 17.98
CA LEU A 95 5.96 21.36 17.92
C LEU A 95 6.53 20.52 16.77
N GLY A 96 5.69 20.18 15.79
CA GLY A 96 6.19 19.63 14.54
C GLY A 96 6.61 18.17 14.71
N THR A 97 7.46 17.70 13.77
CA THR A 97 7.87 16.30 13.73
C THR A 97 9.28 16.14 14.31
N VAL A 98 9.61 14.93 14.76
CA VAL A 98 10.93 14.73 15.28
C VAL A 98 11.92 14.72 14.12
N TYR A 99 11.46 14.37 12.92
CA TYR A 99 12.34 14.48 11.78
C TYR A 99 12.91 15.90 11.76
N ARG A 100 12.05 16.92 11.80
CA ARG A 100 12.52 18.29 11.63
C ARG A 100 13.50 18.61 12.76
N GLU A 101 13.26 18.04 13.94
CA GLU A 101 14.07 18.32 15.13
C GLU A 101 15.40 17.55 15.00
N LEU A 102 15.35 16.38 14.36
CA LEU A 102 16.53 15.56 14.14
C LEU A 102 17.39 16.16 13.03
N GLN A 103 16.81 16.95 12.12
CA GLN A 103 17.60 17.69 11.12
C GLN A 103 18.23 18.94 11.76
N LYS A 104 17.50 19.69 12.62
CA LYS A 104 18.07 20.91 13.20
C LYS A 104 19.31 20.58 14.02
N LEU A 105 19.26 19.46 14.74
CA LEU A 105 20.26 19.09 15.73
C LEU A 105 21.32 18.14 15.17
N SER A 106 21.06 17.49 14.03
CA SER A 106 21.94 16.46 13.48
C SER A 106 21.70 15.11 14.18
N LYS A 107 21.98 15.04 15.49
CA LYS A 107 21.70 13.86 16.27
C LYS A 107 21.18 14.30 17.64
N PHE A 108 20.66 13.36 18.43
CA PHE A 108 20.19 13.62 19.78
C PHE A 108 21.17 13.04 20.79
N ASP A 109 21.20 13.66 21.98
CA ASP A 109 21.95 13.18 23.14
C ASP A 109 21.21 11.99 23.75
N GLU A 110 21.85 11.35 24.75
CA GLU A 110 21.31 10.14 25.33
C GLU A 110 20.00 10.43 26.10
N GLN A 111 19.88 11.62 26.71
CA GLN A 111 18.73 11.92 27.54
C GLN A 111 17.49 12.05 26.67
N ARG A 112 17.56 12.88 25.63
CA ARG A 112 16.40 13.05 24.76
C ARG A 112 16.01 11.70 24.16
N THR A 113 17.01 10.90 23.76
CA THR A 113 16.75 9.69 23.02
C THR A 113 15.95 8.75 23.90
N ALA A 114 16.48 8.50 25.10
CA ALA A 114 15.88 7.49 25.97
C ALA A 114 14.47 7.90 26.39
N THR A 115 14.23 9.19 26.50
CA THR A 115 12.94 9.71 26.90
C THR A 115 11.96 9.40 25.78
N TYR A 116 12.40 9.62 24.54
CA TYR A 116 11.60 9.30 23.37
C TYR A 116 11.32 7.79 23.28
N ILE A 117 12.35 6.98 23.48
CA ILE A 117 12.21 5.55 23.44
C ILE A 117 11.20 5.11 24.50
N THR A 118 11.25 5.71 25.69
CA THR A 118 10.35 5.30 26.74
C THR A 118 8.90 5.54 26.35
N GLU A 119 8.63 6.78 25.87
CA GLU A 119 7.32 7.18 25.40
C GLU A 119 6.80 6.18 24.34
N LEU A 120 7.68 5.78 23.42
CA LEU A 120 7.27 4.92 22.32
C LEU A 120 6.97 3.52 22.82
N ALA A 121 7.86 3.01 23.66
CA ALA A 121 7.66 1.71 24.28
C ALA A 121 6.32 1.63 25.01
N ASN A 122 5.84 2.73 25.59
CA ASN A 122 4.54 2.70 26.25
C ASN A 122 3.46 2.61 25.17
N ALA A 123 3.47 3.58 24.25
CA ALA A 123 2.60 3.55 23.10
C ALA A 123 2.53 2.16 22.45
N LEU A 124 3.67 1.50 22.23
CA LEU A 124 3.65 0.22 21.55
C LEU A 124 3.13 -0.86 22.49
N SER A 125 3.37 -0.71 23.78
CA SER A 125 2.88 -1.75 24.67
C SER A 125 1.35 -1.64 24.70
N TYR A 126 0.83 -0.41 24.56
CA TYR A 126 -0.61 -0.23 24.54
C TYR A 126 -1.17 -0.91 23.30
N CYS A 127 -0.62 -0.58 22.12
CA CYS A 127 -1.08 -1.13 20.86
C CYS A 127 -1.08 -2.67 20.90
N HIS A 128 -0.01 -3.25 21.46
CA HIS A 128 0.07 -4.69 21.55
C HIS A 128 -1.05 -5.24 22.43
N SER A 129 -1.41 -4.51 23.49
CA SER A 129 -2.48 -4.95 24.36
C SER A 129 -3.82 -4.91 23.62
N LYS A 130 -3.89 -4.27 22.46
CA LYS A 130 -5.09 -4.25 21.62
C LYS A 130 -4.88 -5.14 20.41
N ARG A 131 -3.75 -5.86 20.40
CA ARG A 131 -3.44 -6.82 19.37
C ARG A 131 -3.02 -6.16 18.07
N VAL A 132 -2.89 -4.82 18.08
CA VAL A 132 -2.42 -4.10 16.92
C VAL A 132 -0.90 -4.06 16.88
N ILE A 133 -0.34 -4.36 15.71
CA ILE A 133 1.11 -4.36 15.53
C ILE A 133 1.47 -3.55 14.29
N HIS A 134 2.79 -3.49 14.05
CA HIS A 134 3.41 -2.77 12.94
C HIS A 134 2.94 -1.32 12.87
N ARG A 135 3.38 -0.50 13.81
CA ARG A 135 3.13 0.93 13.69
C ARG A 135 4.37 1.59 13.09
N ASP A 136 4.12 2.58 12.24
CA ASP A 136 5.19 3.32 11.60
C ASP A 136 5.74 4.27 12.65
N ILE A 137 6.91 3.95 13.20
CA ILE A 137 7.52 4.80 14.22
C ILE A 137 8.71 5.55 13.66
N LYS A 138 8.76 5.72 12.32
CA LYS A 138 9.82 6.48 11.70
C LYS A 138 9.71 7.91 12.19
N PRO A 139 10.84 8.66 12.25
CA PRO A 139 10.86 10.02 12.79
C PRO A 139 9.92 11.02 12.12
N GLU A 140 9.61 10.78 10.85
CA GLU A 140 8.76 11.71 10.13
C GLU A 140 7.28 11.47 10.48
N ASN A 141 6.96 10.37 11.16
CA ASN A 141 5.60 10.06 11.57
C ASN A 141 5.43 10.24 13.08
N LEU A 142 6.40 10.89 13.72
CA LEU A 142 6.33 11.22 15.13
C LEU A 142 6.20 12.74 15.27
N LEU A 143 5.08 13.18 15.81
CA LEU A 143 4.82 14.58 16.09
C LEU A 143 5.08 14.85 17.57
N LEU A 144 5.18 16.14 17.92
CA LEU A 144 5.50 16.55 19.29
C LEU A 144 4.34 17.36 19.85
N GLY A 145 3.82 16.88 20.98
CA GLY A 145 2.69 17.55 21.63
C GLY A 145 3.15 18.76 22.44
N SER A 146 2.17 19.41 23.09
CA SER A 146 2.37 20.72 23.68
C SER A 146 3.35 20.70 24.85
N ALA A 147 3.68 19.52 25.39
CA ALA A 147 4.73 19.40 26.39
C ALA A 147 5.93 18.63 25.84
N GLY A 148 6.06 18.56 24.50
CA GLY A 148 7.20 17.91 23.88
C GLY A 148 7.17 16.39 23.99
N GLU A 149 5.96 15.85 24.16
CA GLU A 149 5.73 14.42 24.19
C GLU A 149 5.50 13.92 22.75
N LEU A 150 5.96 12.70 22.49
CA LEU A 150 5.77 12.05 21.20
C LEU A 150 4.30 11.73 20.95
N LYS A 151 3.91 11.94 19.70
CA LYS A 151 2.67 11.46 19.17
C LYS A 151 2.96 10.63 17.91
N ILE A 152 2.74 9.32 17.98
CA ILE A 152 2.73 8.52 16.77
C ILE A 152 1.53 8.90 15.92
N ALA A 153 1.78 9.35 14.69
CA ALA A 153 0.69 9.51 13.73
C ALA A 153 0.74 8.40 12.70
N ASN A 154 -0.42 8.01 12.19
CA ASN A 154 -0.48 6.94 11.21
C ASN A 154 -1.20 7.37 9.94
N PHE A 155 -1.15 8.69 9.60
CA PHE A 155 -1.78 9.15 8.36
C PHE A 155 -0.79 10.00 7.54
N LEU A 169 15.48 5.40 -1.47
CA LEU A 169 14.50 4.91 -0.47
C LEU A 169 14.80 5.44 0.93
N ALA A 170 15.40 6.64 1.05
CA ALA A 170 15.71 7.31 2.32
C ALA A 170 16.38 6.34 3.30
N GLY A 171 15.72 6.03 4.43
CA GLY A 171 16.07 4.86 5.22
C GLY A 171 14.87 3.93 5.43
N THR A 172 13.74 4.20 4.73
CA THR A 172 12.47 3.50 4.92
C THR A 172 12.68 2.00 5.13
N LEU A 173 13.46 1.37 4.26
CA LEU A 173 13.62 -0.07 4.29
C LEU A 173 14.27 -0.51 5.61
N ASP A 174 15.22 0.29 6.11
CA ASP A 174 15.97 -0.08 7.31
C ASP A 174 15.00 -0.37 8.48
N TYR A 175 13.88 0.36 8.53
CA TYR A 175 12.93 0.22 9.64
C TYR A 175 12.10 -1.06 9.57
N LEU A 176 12.25 -1.83 8.48
CA LEU A 176 11.51 -3.07 8.30
C LEU A 176 12.39 -4.24 8.68
N PRO A 177 11.94 -5.13 9.60
CA PRO A 177 12.76 -6.23 10.07
C PRO A 177 12.89 -7.26 8.96
N PRO A 178 13.88 -8.16 9.02
CA PRO A 178 14.09 -9.18 7.99
C PRO A 178 12.85 -10.00 7.63
N GLU A 179 12.07 -10.42 8.63
CA GLU A 179 10.97 -11.31 8.36
C GLU A 179 9.96 -10.63 7.43
N MET A 180 9.84 -9.31 7.53
CA MET A 180 8.88 -8.59 6.71
C MET A 180 9.43 -8.42 5.30
N ILE A 181 10.74 -8.19 5.12
CA ILE A 181 11.24 -7.96 3.78
C ILE A 181 11.29 -9.27 2.98
N GLU A 182 11.14 -10.41 3.67
CA GLU A 182 11.18 -11.71 3.02
C GLU A 182 9.77 -12.29 2.94
N GLY A 183 8.79 -11.59 3.46
CA GLY A 183 7.41 -12.04 3.31
C GLY A 183 7.05 -13.16 4.29
N ARG A 184 7.90 -13.38 5.30
CA ARG A 184 7.63 -14.41 6.30
C ARG A 184 6.61 -13.95 7.36
N MET A 185 6.07 -14.93 8.08
CA MET A 185 5.19 -14.73 9.23
C MET A 185 5.78 -13.68 10.17
N HIS A 186 4.97 -12.76 10.70
CA HIS A 186 5.51 -11.74 11.60
C HIS A 186 4.59 -11.46 12.80
N ASP A 187 5.21 -11.25 13.97
CA ASP A 187 4.47 -10.99 15.21
C ASP A 187 4.78 -9.58 15.74
N GLU A 188 4.38 -9.33 17.00
CA GLU A 188 4.59 -8.05 17.66
C GLU A 188 6.07 -7.67 17.77
N LYS A 189 6.97 -8.64 17.65
CA LYS A 189 8.40 -8.36 17.77
C LYS A 189 8.94 -7.49 16.62
N VAL A 190 8.17 -7.26 15.56
CA VAL A 190 8.58 -6.32 14.54
C VAL A 190 8.71 -4.91 15.13
N ASP A 191 7.92 -4.59 16.17
CA ASP A 191 7.89 -3.25 16.71
C ASP A 191 9.16 -3.04 17.53
N LEU A 192 9.72 -4.14 18.00
CA LEU A 192 11.00 -4.10 18.70
C LEU A 192 12.14 -3.84 17.70
N TRP A 193 12.07 -4.36 16.47
CA TRP A 193 13.08 -4.01 15.47
C TRP A 193 12.99 -2.52 15.16
N SER A 194 11.80 -2.03 14.87
CA SER A 194 11.67 -0.64 14.47
C SER A 194 12.25 0.27 15.56
N LEU A 195 12.04 -0.13 16.81
CA LEU A 195 12.40 0.73 17.93
C LEU A 195 13.92 0.87 18.04
N GLY A 196 14.62 -0.21 17.67
CA GLY A 196 16.07 -0.22 17.67
C GLY A 196 16.64 0.62 16.53
N VAL A 197 16.00 0.55 15.37
CA VAL A 197 16.48 1.32 14.25
C VAL A 197 16.33 2.78 14.65
N LEU A 198 15.23 3.08 15.33
CA LEU A 198 14.89 4.45 15.70
C LEU A 198 15.86 4.98 16.74
N CYS A 199 16.14 4.15 17.74
CA CYS A 199 17.10 4.50 18.76
C CYS A 199 18.43 4.87 18.12
N TYR A 200 18.87 4.06 17.16
CA TYR A 200 20.10 4.31 16.45
C TYR A 200 19.94 5.59 15.62
N GLU A 201 18.84 5.72 14.88
CA GLU A 201 18.71 6.93 14.06
C GLU A 201 18.72 8.16 14.98
N PHE A 202 18.27 8.03 16.23
CA PHE A 202 18.30 9.15 17.15
C PHE A 202 19.72 9.49 17.57
N LEU A 203 20.49 8.50 18.00
CA LEU A 203 21.85 8.76 18.48
C LEU A 203 22.80 9.16 17.37
N VAL A 204 22.52 8.76 16.12
CA VAL A 204 23.55 8.79 15.10
C VAL A 204 23.18 9.80 14.03
N GLY A 205 21.89 9.93 13.70
CA GLY A 205 21.48 10.83 12.63
C GLY A 205 21.05 10.13 11.34
N LYS A 206 21.54 8.92 11.11
CA LYS A 206 21.20 8.14 9.92
C LYS A 206 20.77 6.77 10.41
N PRO A 207 20.03 5.96 9.62
CA PRO A 207 19.74 4.58 10.01
C PRO A 207 20.94 3.68 9.80
N PRO A 208 20.97 2.49 10.45
CA PRO A 208 22.15 1.64 10.43
C PRO A 208 22.44 0.85 9.16
N PHE A 209 21.44 0.63 8.31
CA PHE A 209 21.58 -0.37 7.25
C PHE A 209 21.66 0.27 5.86
N GLU A 210 21.17 1.50 5.66
CA GLU A 210 21.12 2.12 4.33
C GLU A 210 22.44 1.87 3.59
N ALA A 211 22.33 1.50 2.31
CA ALA A 211 23.49 1.32 1.46
C ALA A 211 23.18 1.95 0.11
N ALA A 212 24.09 1.69 -0.85
CA ALA A 212 24.11 2.39 -2.12
C ALA A 212 22.91 2.02 -2.98
N THR A 213 22.41 0.79 -2.81
CA THR A 213 21.43 0.16 -3.68
C THR A 213 20.49 -0.75 -2.88
N TYR A 214 19.29 -1.00 -3.42
CA TYR A 214 18.36 -1.90 -2.78
C TYR A 214 19.03 -3.19 -2.40
N ALA A 215 19.73 -3.78 -3.35
CA ALA A 215 20.26 -5.12 -3.12
C ALA A 215 21.21 -5.09 -1.92
N GLU A 216 22.04 -4.06 -1.81
CA GLU A 216 23.03 -4.02 -0.74
C GLU A 216 22.31 -3.70 0.59
N THR A 217 21.32 -2.80 0.56
CA THR A 217 20.52 -2.53 1.74
C THR A 217 19.91 -3.83 2.25
N TYR A 218 19.30 -4.60 1.36
CA TYR A 218 18.62 -5.81 1.78
C TYR A 218 19.64 -6.80 2.34
N LYS A 219 20.80 -6.91 1.68
CA LYS A 219 21.82 -7.86 2.11
C LYS A 219 22.17 -7.56 3.57
N ARG A 220 22.23 -6.28 3.95
CA ARG A 220 22.70 -5.93 5.28
C ARG A 220 21.64 -6.22 6.33
N ILE A 221 20.39 -5.88 6.03
CA ILE A 221 19.30 -6.14 6.94
C ILE A 221 19.21 -7.64 7.25
N SER A 222 19.10 -8.46 6.19
CA SER A 222 18.96 -9.91 6.34
C SER A 222 20.14 -10.53 7.11
N ARG A 223 21.35 -9.99 6.94
CA ARG A 223 22.55 -10.50 7.61
C ARG A 223 22.85 -9.67 8.88
N VAL A 224 21.98 -8.72 9.26
CA VAL A 224 22.17 -7.84 10.41
C VAL A 224 23.61 -7.33 10.51
N GLU A 225 24.09 -6.76 9.40
CA GLU A 225 25.41 -6.16 9.33
C GLU A 225 25.32 -4.65 9.57
N PHE A 226 25.87 -4.19 10.70
CA PHE A 226 26.02 -2.75 10.89
C PHE A 226 27.05 -2.38 11.95
N ALA A 227 27.25 -1.07 12.09
CA ALA A 227 28.29 -0.54 12.94
C ALA A 227 27.80 0.71 13.66
N PHE A 228 28.43 0.95 14.80
CA PHE A 228 28.17 2.13 15.59
C PHE A 228 29.32 3.09 15.37
N PRO A 229 29.04 4.39 15.19
CA PRO A 229 30.08 5.40 15.37
C PRO A 229 30.69 5.26 16.77
N ALA A 230 31.92 5.74 16.96
CA ALA A 230 32.68 5.45 18.17
C ALA A 230 32.11 6.20 19.37
N PHE A 231 31.51 7.37 19.15
CA PHE A 231 30.97 8.12 20.27
C PHE A 231 29.79 7.43 20.99
N VAL A 232 29.23 6.36 20.45
CA VAL A 232 28.06 5.71 21.03
C VAL A 232 28.49 4.88 22.24
N THR A 233 27.81 5.11 23.38
CA THR A 233 28.06 4.48 24.69
C THR A 233 27.84 2.97 24.66
N GLU A 234 28.49 2.24 25.57
CA GLU A 234 28.32 0.79 25.55
C GLU A 234 26.88 0.44 25.88
N GLY A 235 26.30 1.14 26.86
CA GLY A 235 24.91 0.94 27.21
C GLY A 235 23.97 1.01 26.00
N ALA A 236 24.06 2.09 25.23
CA ALA A 236 23.23 2.23 24.05
C ALA A 236 23.47 1.06 23.11
N ARG A 237 24.75 0.77 22.88
CA ARG A 237 25.11 -0.35 22.02
C ARG A 237 24.48 -1.66 22.49
N ASP A 238 24.42 -1.91 23.80
CA ASP A 238 23.81 -3.14 24.29
C ASP A 238 22.33 -3.15 23.90
N LEU A 239 21.62 -2.03 24.13
CA LEU A 239 20.18 -2.02 23.89
C LEU A 239 19.89 -2.27 22.41
N ILE A 240 20.52 -1.47 21.54
CA ILE A 240 20.31 -1.57 20.12
C ILE A 240 20.69 -2.97 19.60
N SER A 241 21.83 -3.49 20.04
CA SER A 241 22.29 -4.80 19.56
C SER A 241 21.24 -5.88 19.80
N ARG A 242 20.44 -5.76 20.88
CA ARG A 242 19.47 -6.77 21.26
C ARG A 242 18.14 -6.59 20.53
N LEU A 243 17.79 -5.33 20.26
CA LEU A 243 16.58 -5.03 19.50
C LEU A 243 16.75 -5.48 18.05
N LEU A 244 17.97 -5.37 17.53
CA LEU A 244 18.24 -5.71 16.15
C LEU A 244 18.85 -7.10 16.13
N LYS A 245 18.03 -8.09 16.47
CA LYS A 245 18.42 -9.49 16.34
C LYS A 245 17.60 -10.14 15.25
N HIS A 246 18.23 -11.06 14.52
CA HIS A 246 17.58 -11.64 13.35
C HIS A 246 16.36 -12.43 13.82
N ASN A 247 16.57 -13.28 14.82
CA ASN A 247 15.52 -14.15 15.34
C ASN A 247 14.63 -13.33 16.26
N PRO A 248 13.31 -13.17 15.94
CA PRO A 248 12.43 -12.31 16.74
C PRO A 248 12.29 -12.77 18.18
N SER A 249 12.35 -14.08 18.39
CA SER A 249 12.22 -14.62 19.74
C SER A 249 13.30 -14.03 20.66
N GLN A 250 14.49 -13.73 20.09
CA GLN A 250 15.64 -13.25 20.84
C GLN A 250 15.50 -11.76 21.19
N ARG A 251 14.54 -11.06 20.58
CA ARG A 251 14.42 -9.63 20.81
C ARG A 251 13.79 -9.39 22.17
N PRO A 252 14.14 -8.31 22.89
CA PRO A 252 13.63 -8.09 24.22
C PRO A 252 12.14 -7.82 24.16
N MET A 253 11.54 -7.96 25.32
CA MET A 253 10.18 -7.55 25.55
C MET A 253 10.16 -6.08 25.94
N LEU A 254 9.04 -5.41 25.68
CA LEU A 254 8.97 -3.97 25.87
C LEU A 254 9.30 -3.60 27.31
N ARG A 255 8.88 -4.42 28.29
CA ARG A 255 9.20 -4.12 29.68
C ARG A 255 10.72 -4.16 29.90
N GLU A 256 11.41 -5.09 29.24
CA GLU A 256 12.85 -5.18 29.30
C GLU A 256 13.52 -3.93 28.71
N VAL A 257 12.84 -3.23 27.80
CA VAL A 257 13.38 -2.01 27.23
C VAL A 257 13.20 -0.91 28.26
N LEU A 258 11.99 -0.80 28.81
CA LEU A 258 11.65 0.26 29.74
C LEU A 258 12.53 0.22 30.99
N GLU A 259 13.03 -0.96 31.36
CA GLU A 259 13.82 -1.18 32.55
C GLU A 259 15.30 -1.40 32.19
N HIS A 260 15.73 -0.99 31.00
CA HIS A 260 17.11 -1.23 30.60
C HIS A 260 17.99 -0.21 31.33
N PRO A 261 19.13 -0.63 31.89
CA PRO A 261 19.92 0.31 32.68
C PRO A 261 20.30 1.56 31.90
N TRP A 262 20.50 1.43 30.58
CA TRP A 262 20.80 2.60 29.76
C TRP A 262 19.61 3.55 29.76
N ILE A 263 18.40 2.99 29.65
CA ILE A 263 17.20 3.80 29.53
C ILE A 263 16.93 4.49 30.86
N THR A 264 17.00 3.72 31.95
CA THR A 264 16.62 4.23 33.25
C THR A 264 17.66 5.25 33.70
N ALA A 265 18.93 5.02 33.34
CA ALA A 265 19.97 5.99 33.67
C ALA A 265 19.74 7.33 32.98
N ASN A 266 18.98 7.40 31.89
CA ASN A 266 19.07 8.60 31.07
C ASN A 266 17.73 9.28 30.83
N SER A 267 16.61 8.72 31.28
CA SER A 267 15.31 9.23 30.85
C SER A 267 14.68 10.13 31.92
N SER A 268 14.04 11.22 31.46
CA SER A 268 13.17 12.08 32.25
C SER A 268 12.13 11.24 33.00
N LYS A 269 11.36 10.43 32.25
CA LYS A 269 10.35 9.54 32.82
C LYS A 269 10.87 8.87 34.09
N VAL B 6 -23.94 23.73 -0.63
CA VAL B 6 -22.66 23.63 -1.40
C VAL B 6 -21.86 22.48 -0.82
N SER B 7 -20.95 21.92 -1.64
CA SER B 7 -20.15 20.75 -1.27
C SER B 7 -21.04 19.51 -1.09
N SER B 8 -22.25 19.53 -1.68
CA SER B 8 -23.15 18.38 -1.62
C SER B 8 -23.21 17.67 -2.98
N VAL B 9 -23.46 16.36 -2.91
CA VAL B 9 -23.64 15.51 -4.09
C VAL B 9 -24.92 14.71 -3.92
N PRO B 10 -25.84 14.70 -4.91
CA PRO B 10 -25.76 15.57 -6.10
C PRO B 10 -25.90 17.05 -5.77
N THR B 11 -25.81 17.91 -6.80
CA THR B 11 -25.57 19.34 -6.66
C THR B 11 -26.90 20.10 -6.63
N LYS B 12 -27.70 19.99 -7.70
CA LYS B 12 -29.04 20.56 -7.72
C LYS B 12 -30.00 19.40 -7.90
N LEU B 13 -31.16 19.56 -7.26
CA LEU B 13 -32.16 18.51 -7.09
C LEU B 13 -33.54 19.11 -7.29
N GLU B 14 -34.32 18.56 -8.22
CA GLU B 14 -35.59 19.17 -8.55
C GLU B 14 -36.64 18.08 -8.74
N VAL B 15 -37.89 18.45 -8.44
CA VAL B 15 -39.05 17.65 -8.75
C VAL B 15 -39.45 17.95 -10.19
N VAL B 16 -39.15 17.04 -11.12
CA VAL B 16 -39.38 17.29 -12.53
C VAL B 16 -40.86 17.08 -12.89
N ALA B 17 -41.54 16.10 -12.28
CA ALA B 17 -42.91 15.78 -12.65
C ALA B 17 -43.79 15.64 -11.40
N ALA B 18 -45.02 15.11 -11.58
CA ALA B 18 -46.00 14.92 -10.52
C ALA B 18 -47.25 14.17 -11.01
N THR B 19 -47.67 13.13 -10.27
CA THR B 19 -49.07 12.69 -10.19
C THR B 19 -49.66 13.21 -8.88
N PRO B 20 -50.99 13.34 -8.74
CA PRO B 20 -51.58 13.80 -7.48
C PRO B 20 -50.93 13.16 -6.26
N THR B 21 -50.59 11.87 -6.37
CA THR B 21 -50.13 11.10 -5.23
C THR B 21 -48.68 10.60 -5.45
N SER B 22 -47.99 11.11 -6.48
CA SER B 22 -46.70 10.58 -6.92
C SER B 22 -45.87 11.72 -7.47
N LEU B 23 -44.54 11.66 -7.37
CA LEU B 23 -43.69 12.66 -7.97
C LEU B 23 -42.39 12.06 -8.47
N LEU B 24 -41.77 12.71 -9.46
CA LEU B 24 -40.49 12.28 -9.97
C LEU B 24 -39.43 13.33 -9.60
N ILE B 25 -38.33 12.90 -8.95
CA ILE B 25 -37.22 13.79 -8.66
C ILE B 25 -36.04 13.47 -9.58
N SER B 26 -35.25 14.50 -9.85
CA SER B 26 -34.15 14.42 -10.79
C SER B 26 -32.97 15.21 -10.27
N TRP B 27 -31.77 14.84 -10.75
CA TRP B 27 -30.55 15.50 -10.37
C TRP B 27 -29.53 15.35 -11.49
N ASP B 28 -28.37 16.01 -11.32
CA ASP B 28 -27.31 15.99 -12.30
C ASP B 28 -26.31 14.88 -12.01
N ALA B 29 -25.92 14.14 -13.04
CA ALA B 29 -24.99 13.03 -12.90
C ALA B 29 -23.69 13.55 -12.29
N PRO B 30 -23.25 13.02 -11.13
CA PRO B 30 -22.35 13.73 -10.24
C PRO B 30 -20.85 13.77 -10.52
N ALA B 31 -20.38 13.17 -11.62
CA ALA B 31 -18.96 13.21 -11.93
C ALA B 31 -18.17 12.21 -11.07
N VAL B 32 -18.18 12.39 -9.73
CA VAL B 32 -17.73 11.35 -8.81
C VAL B 32 -18.53 10.07 -9.08
N THR B 33 -17.96 8.89 -8.79
CA THR B 33 -18.68 7.63 -8.96
C THR B 33 -19.45 7.18 -7.70
N VAL B 34 -20.78 7.16 -7.81
CA VAL B 34 -21.70 6.76 -6.74
C VAL B 34 -22.07 5.27 -6.87
N VAL B 35 -22.08 4.56 -5.73
CA VAL B 35 -22.49 3.15 -5.65
C VAL B 35 -24.01 3.02 -5.80
N HIS B 36 -24.73 3.71 -4.92
CA HIS B 36 -26.17 3.85 -4.97
C HIS B 36 -26.53 5.14 -4.25
N TYR B 37 -27.76 5.60 -4.43
CA TYR B 37 -28.25 6.78 -3.73
C TYR B 37 -29.27 6.33 -2.71
N VAL B 38 -29.28 6.95 -1.53
CA VAL B 38 -30.37 6.70 -0.61
C VAL B 38 -31.31 7.89 -0.73
N ILE B 39 -32.59 7.62 -0.97
CA ILE B 39 -33.60 8.64 -1.12
C ILE B 39 -34.52 8.48 0.06
N THR B 40 -34.75 9.59 0.79
CA THR B 40 -35.64 9.58 1.93
C THR B 40 -36.71 10.66 1.77
N TYR B 41 -37.85 10.44 2.43
CA TYR B 41 -38.95 11.38 2.41
C TYR B 41 -39.84 11.18 3.61
N GLY B 42 -40.30 12.30 4.16
CA GLY B 42 -41.13 12.31 5.34
C GLY B 42 -42.02 13.54 5.34
N GLU B 43 -43.21 13.37 5.92
CA GLU B 43 -44.10 14.45 6.27
C GLU B 43 -43.31 15.46 7.11
N THR B 44 -43.23 16.72 6.66
CA THR B 44 -42.39 17.73 7.30
C THR B 44 -42.89 18.09 8.70
N GLY B 45 -44.17 17.83 8.98
CA GLY B 45 -44.73 17.95 10.32
C GLY B 45 -44.01 17.04 11.32
N GLY B 46 -44.28 15.74 11.26
CA GLY B 46 -43.58 14.77 12.10
C GLY B 46 -44.53 13.74 12.70
N ASN B 47 -44.21 13.29 13.92
CA ASN B 47 -44.96 12.23 14.59
C ASN B 47 -45.26 11.11 13.59
N SER B 48 -44.31 10.91 12.66
CA SER B 48 -44.42 9.90 11.62
C SER B 48 -43.00 9.66 11.09
N PRO B 49 -42.62 8.41 10.77
CA PRO B 49 -41.23 8.06 10.52
C PRO B 49 -40.83 8.28 9.06
N VAL B 50 -39.56 8.66 8.87
CA VAL B 50 -39.04 8.95 7.54
C VAL B 50 -38.88 7.64 6.79
N GLN B 51 -39.12 7.67 5.47
CA GLN B 51 -39.14 6.51 4.57
C GLN B 51 -37.91 6.52 3.68
N GLU B 52 -37.27 5.37 3.45
CA GLU B 52 -36.00 5.33 2.73
C GLU B 52 -36.01 4.24 1.67
N PHE B 53 -35.26 4.48 0.59
CA PHE B 53 -35.12 3.46 -0.42
C PHE B 53 -33.87 3.77 -1.24
N THR B 54 -33.34 2.78 -1.96
CA THR B 54 -32.08 2.99 -2.66
C THR B 54 -32.34 2.95 -4.16
N VAL B 55 -31.46 3.64 -4.87
CA VAL B 55 -31.49 3.77 -6.30
C VAL B 55 -30.06 3.55 -6.79
N PRO B 56 -29.87 2.75 -7.84
CA PRO B 56 -28.53 2.49 -8.38
C PRO B 56 -27.77 3.75 -8.74
N GLY B 57 -26.45 3.66 -8.58
CA GLY B 57 -25.55 4.77 -8.81
C GLY B 57 -25.62 5.26 -10.25
N SER B 58 -26.08 4.38 -11.14
CA SER B 58 -26.17 4.68 -12.56
C SER B 58 -27.31 5.64 -12.88
N LYS B 59 -28.25 5.86 -11.95
CA LYS B 59 -29.42 6.65 -12.27
C LYS B 59 -29.20 8.10 -11.85
N SER B 60 -30.05 9.00 -12.37
CA SER B 60 -30.06 10.39 -11.94
C SER B 60 -31.50 10.84 -11.64
N THR B 61 -32.42 9.87 -11.52
CA THR B 61 -33.81 10.18 -11.22
C THR B 61 -34.42 9.09 -10.32
N ALA B 62 -35.60 9.37 -9.79
CA ALA B 62 -36.30 8.44 -8.92
C ALA B 62 -37.75 8.88 -8.73
N THR B 63 -38.63 7.88 -8.60
CA THR B 63 -40.02 8.13 -8.30
C THR B 63 -40.25 7.97 -6.81
N ILE B 64 -41.15 8.79 -6.26
CA ILE B 64 -41.72 8.61 -4.94
C ILE B 64 -43.23 8.53 -5.09
N SER B 65 -43.84 7.42 -4.63
CA SER B 65 -45.26 7.17 -4.85
C SER B 65 -45.97 7.12 -3.50
N GLY B 66 -47.29 7.03 -3.55
CA GLY B 66 -48.07 6.69 -2.38
C GLY B 66 -48.09 7.84 -1.40
N LEU B 67 -47.87 9.06 -1.89
CA LEU B 67 -47.88 10.21 -1.00
C LEU B 67 -49.33 10.54 -0.69
N LYS B 68 -49.49 11.41 0.32
CA LYS B 68 -50.80 11.79 0.79
C LYS B 68 -51.16 13.10 0.13
N PRO B 69 -52.40 13.19 -0.41
CA PRO B 69 -52.90 14.42 -1.01
C PRO B 69 -53.06 15.49 0.07
N GLY B 70 -52.22 16.51 0.03
CA GLY B 70 -52.34 17.65 0.92
C GLY B 70 -51.17 17.85 1.86
N VAL B 71 -50.20 16.92 1.90
CA VAL B 71 -49.12 17.03 2.88
C VAL B 71 -47.86 17.60 2.21
N ASP B 72 -47.15 18.48 2.94
CA ASP B 72 -45.80 18.94 2.63
C ASP B 72 -44.78 17.85 2.99
N TYR B 73 -43.81 17.58 2.09
CA TYR B 73 -42.82 16.53 2.25
C TYR B 73 -41.41 17.10 2.15
N THR B 74 -40.49 16.65 3.00
CA THR B 74 -39.06 16.94 2.79
C THR B 74 -38.43 15.71 2.15
N ILE B 75 -37.72 15.91 1.04
CA ILE B 75 -37.12 14.82 0.32
C ILE B 75 -35.63 15.02 0.36
N THR B 76 -34.91 14.04 0.93
CA THR B 76 -33.46 14.10 0.96
C THR B 76 -32.83 13.01 0.09
N VAL B 77 -31.89 13.42 -0.76
CA VAL B 77 -31.03 12.50 -1.48
C VAL B 77 -29.64 12.42 -0.85
N TYR B 78 -29.12 11.19 -0.71
CA TYR B 78 -27.77 10.92 -0.24
C TYR B 78 -27.01 10.05 -1.24
N ALA B 79 -25.82 10.50 -1.68
CA ALA B 79 -24.97 9.69 -2.54
C ALA B 79 -23.90 8.98 -1.72
N ILE B 80 -23.74 7.67 -1.97
CA ILE B 80 -22.89 6.83 -1.13
C ILE B 80 -21.65 6.42 -1.91
N ASP B 81 -20.48 6.81 -1.39
CA ASP B 81 -19.19 6.39 -1.90
C ASP B 81 -18.83 5.02 -1.33
N PHE B 82 -18.03 4.23 -2.06
CA PHE B 82 -17.71 2.87 -1.64
C PHE B 82 -16.95 2.89 -0.33
N TYR B 83 -15.88 3.70 -0.28
CA TYR B 83 -15.00 3.73 0.88
C TYR B 83 -15.48 4.69 1.97
N TRP B 84 -16.03 5.85 1.58
CA TRP B 84 -16.09 6.98 2.50
C TRP B 84 -17.50 7.24 3.02
N GLY B 85 -18.54 6.69 2.38
CA GLY B 85 -19.92 6.82 2.81
C GLY B 85 -20.70 7.92 2.06
N SER B 86 -21.82 8.37 2.65
CA SER B 86 -22.61 9.48 2.13
C SER B 86 -21.74 10.74 2.06
N TYR B 87 -21.81 11.41 0.89
CA TYR B 87 -21.44 12.81 0.73
C TYR B 87 -22.43 13.65 1.55
N SER B 88 -22.16 14.96 1.73
CA SER B 88 -23.16 15.82 2.34
C SER B 88 -24.44 15.73 1.48
N PRO B 89 -25.62 15.45 2.08
CA PRO B 89 -26.86 15.31 1.32
C PRO B 89 -27.44 16.62 0.81
N ILE B 90 -28.43 16.51 -0.09
CA ILE B 90 -29.15 17.64 -0.65
C ILE B 90 -30.62 17.38 -0.46
N SER B 91 -31.45 18.42 -0.32
CA SER B 91 -32.87 18.21 -0.10
C SER B 91 -33.71 19.41 -0.56
N ILE B 92 -35.03 19.26 -0.43
CA ILE B 92 -36.01 19.97 -1.24
C ILE B 92 -37.37 19.71 -0.59
N ASN B 93 -38.34 20.61 -0.79
CA ASN B 93 -39.68 20.40 -0.25
C ASN B 93 -40.68 20.28 -1.38
N TYR B 94 -41.78 19.57 -1.15
CA TYR B 94 -42.85 19.51 -2.13
C TYR B 94 -44.18 19.24 -1.43
N ARG B 95 -45.25 19.85 -1.95
CA ARG B 95 -46.55 19.79 -1.32
C ARG B 95 -47.47 18.88 -2.11
N THR B 96 -48.57 18.43 -1.46
CA THR B 96 -49.50 17.43 -1.97
C THR B 96 -48.70 16.28 -2.59
N PRO C 4 -25.13 17.63 23.34
CA PRO C 4 -24.41 16.34 23.43
C PRO C 4 -24.84 15.37 22.32
N GLN C 5 -23.91 15.10 21.37
CA GLN C 5 -24.30 14.59 20.06
C GLN C 5 -23.21 13.68 19.46
N SER C 6 -23.62 12.48 19.02
CA SER C 6 -22.73 11.43 18.54
C SER C 6 -23.57 10.30 17.94
N VAL C 7 -23.04 9.59 16.95
CA VAL C 7 -23.68 8.38 16.44
C VAL C 7 -22.87 7.18 16.93
N VAL C 8 -23.58 6.11 17.32
CA VAL C 8 -22.99 4.94 17.94
C VAL C 8 -23.65 3.68 17.36
N TYR C 9 -22.93 2.55 17.38
CA TYR C 9 -23.38 1.26 16.86
C TYR C 9 -22.74 0.15 17.68
N GLN C 10 -23.32 -1.05 17.65
CA GLN C 10 -22.78 -2.19 18.38
C GLN C 10 -21.88 -3.02 17.46
N ASN C 11 -20.81 -3.58 18.04
CA ASN C 11 -19.72 -4.16 17.27
C ASN C 11 -19.93 -5.67 17.09
N GLU C 12 -18.91 -6.36 16.53
CA GLU C 12 -18.89 -7.80 16.37
C GLU C 12 -19.25 -8.51 17.68
N GLU C 13 -18.73 -8.01 18.82
CA GLU C 13 -18.93 -8.61 20.13
C GLU C 13 -20.15 -7.99 20.86
N GLY C 14 -20.79 -6.97 20.29
CA GLY C 14 -21.98 -6.36 20.87
C GLY C 14 -21.67 -5.19 21.82
N ARG C 15 -20.53 -4.53 21.61
CA ARG C 15 -20.02 -3.45 22.44
C ARG C 15 -20.30 -2.12 21.75
N TRP C 16 -20.78 -1.12 22.51
CA TRP C 16 -21.17 0.17 21.94
C TRP C 16 -19.92 1.03 21.64
N VAL C 17 -19.71 1.35 20.35
CA VAL C 17 -18.54 2.10 19.92
C VAL C 17 -18.97 3.18 18.93
N THR C 18 -18.22 4.31 18.92
CA THR C 18 -18.65 5.59 18.37
C THR C 18 -18.12 5.83 16.94
N ASP C 19 -19.03 6.07 15.98
CA ASP C 19 -18.71 6.22 14.56
C ASP C 19 -18.23 7.64 14.26
N LEU C 20 -16.99 7.71 13.74
CA LEU C 20 -16.29 8.97 13.56
C LEU C 20 -16.66 9.63 12.23
N ALA C 21 -17.68 9.11 11.53
CA ALA C 21 -18.12 9.67 10.26
C ALA C 21 -19.17 10.75 10.51
N TYR C 22 -19.70 10.77 11.74
CA TYR C 22 -20.76 11.70 12.12
C TYR C 22 -20.20 12.73 13.10
N TYR C 23 -20.82 13.91 13.12
CA TYR C 23 -20.49 14.96 14.08
C TYR C 23 -20.51 14.39 15.50
N THR C 24 -19.44 14.67 16.24
CA THR C 24 -19.23 14.18 17.59
C THR C 24 -18.84 15.37 18.44
N SER C 25 -19.80 15.91 19.19
CA SER C 25 -19.64 17.16 19.93
C SER C 25 -18.44 17.02 20.86
N PHE C 26 -17.61 18.06 20.95
CA PHE C 26 -16.47 18.05 21.86
C PHE C 26 -16.95 18.44 23.25
N ASN C 27 -17.69 17.51 23.89
CA ASN C 27 -18.39 17.79 25.12
C ASN C 27 -17.42 17.72 26.31
N SER C 28 -16.51 18.70 26.41
CA SER C 28 -15.54 18.77 27.51
C SER C 28 -14.65 20.00 27.35
N LYS C 29 -14.23 20.58 28.48
CA LYS C 29 -13.21 21.62 28.46
C LYS C 29 -11.92 20.97 27.95
N GLN C 30 -11.34 21.54 26.88
CA GLN C 30 -10.17 20.97 26.21
C GLN C 30 -8.89 21.28 26.99
N ASN C 31 -7.95 20.34 27.00
CA ASN C 31 -6.67 20.56 27.65
C ASN C 31 -5.63 20.92 26.59
N LEU C 32 -5.86 22.04 25.88
CA LEU C 32 -4.86 22.63 24.98
C LEU C 32 -3.95 23.52 25.81
N ASN C 33 -2.73 23.05 26.13
CA ASN C 33 -1.78 23.81 26.93
C ASN C 33 -0.93 24.66 25.98
N VAL C 34 -1.56 25.54 25.19
CA VAL C 34 -0.85 26.25 24.13
C VAL C 34 -1.48 27.62 23.89
N SER C 35 -0.68 28.69 23.94
CA SER C 35 -1.12 30.02 23.54
C SER C 35 -0.82 30.27 22.06
N LEU C 36 -1.85 30.63 21.28
CA LEU C 36 -1.61 31.04 19.90
C LEU C 36 -1.40 32.54 19.84
N SER C 37 -0.36 32.99 19.14
CA SER C 37 -0.14 34.40 18.90
C SER C 37 -1.42 35.07 18.37
N ASP C 38 -1.53 36.38 18.63
CA ASP C 38 -2.68 37.14 18.17
C ASP C 38 -2.72 37.03 16.65
N GLU C 39 -1.55 37.19 16.00
CA GLU C 39 -1.44 37.14 14.55
C GLU C 39 -2.08 35.86 14.04
N MET C 40 -1.73 34.70 14.65
CA MET C 40 -2.24 33.39 14.24
C MET C 40 -3.75 33.29 14.51
N ASN C 41 -4.18 33.69 15.71
CA ASN C 41 -5.59 33.69 16.05
C ASN C 41 -6.37 34.56 15.06
N GLU C 42 -5.70 35.51 14.39
CA GLU C 42 -6.37 36.45 13.51
C GLU C 42 -6.55 35.86 12.12
N ASP C 43 -5.80 34.80 11.79
CA ASP C 43 -5.80 34.23 10.44
C ASP C 43 -6.97 33.28 10.21
N PHE C 44 -7.80 33.05 11.24
CA PHE C 44 -8.94 32.15 11.12
C PHE C 44 -10.00 32.78 10.21
N ARG C 45 -10.44 32.00 9.21
CA ARG C 45 -11.44 32.45 8.26
C ARG C 45 -12.54 31.39 8.25
N SER C 46 -13.80 31.83 8.24
CA SER C 46 -14.95 30.94 8.04
C SER C 46 -15.72 31.37 6.80
N GLY C 47 -16.62 30.51 6.31
CA GLY C 47 -17.50 30.80 5.18
C GLY C 47 -16.77 30.82 3.84
N SER C 48 -17.25 31.69 2.93
CA SER C 48 -16.65 31.91 1.62
C SER C 48 -15.13 32.00 1.71
N GLU C 49 -14.68 32.87 2.61
CA GLU C 49 -13.27 33.19 2.66
C GLU C 49 -12.46 31.94 2.99
N ALA C 50 -13.12 30.97 3.66
CA ALA C 50 -12.47 29.73 4.05
C ALA C 50 -12.47 28.70 2.91
N PHE C 51 -13.58 28.57 2.14
CA PHE C 51 -13.63 27.63 1.02
C PHE C 51 -12.59 28.02 -0.03
N ASP C 52 -12.40 29.33 -0.17
CA ASP C 52 -11.52 29.90 -1.18
C ASP C 52 -10.07 29.60 -0.83
N LEU C 53 -9.72 29.62 0.46
CA LEU C 53 -8.36 29.28 0.90
C LEU C 53 -7.98 27.88 0.46
N ILE C 54 -8.89 26.92 0.67
CA ILE C 54 -8.59 25.53 0.37
C ILE C 54 -8.65 25.37 -1.16
N ALA C 55 -9.63 26.02 -1.80
CA ALA C 55 -9.73 26.03 -3.26
C ALA C 55 -8.42 26.50 -3.90
N GLN C 56 -7.96 27.71 -3.53
CA GLN C 56 -6.65 28.23 -3.92
C GLN C 56 -5.59 27.13 -3.89
N ASP C 57 -5.50 26.45 -2.73
CA ASP C 57 -4.43 25.51 -2.47
C ASP C 57 -4.62 24.23 -3.27
N GLU C 58 -5.86 23.92 -3.69
CA GLU C 58 -6.10 22.74 -4.51
C GLU C 58 -5.64 23.00 -5.94
N GLU C 59 -6.05 24.15 -6.53
CA GLU C 59 -5.64 24.42 -7.91
C GLU C 59 -4.13 24.58 -7.94
N GLU C 60 -3.54 25.04 -6.85
CA GLU C 60 -2.09 25.08 -6.72
C GLU C 60 -1.51 23.68 -6.71
N PHE C 61 -2.16 22.78 -5.96
CA PHE C 61 -1.67 21.43 -5.78
C PHE C 61 -1.77 20.64 -7.07
N ASN C 62 -2.95 20.71 -7.71
CA ASN C 62 -3.26 19.96 -8.91
C ASN C 62 -2.25 20.24 -10.03
N LYS C 63 -1.89 21.51 -10.25
CA LYS C 63 -1.05 21.84 -11.39
C LYS C 63 0.43 21.61 -11.04
N GLU C 64 0.74 21.36 -9.76
CA GLU C 64 2.08 20.93 -9.37
C GLU C 64 2.27 19.42 -9.60
N HIS C 65 1.16 18.67 -9.66
CA HIS C 65 1.19 17.24 -9.93
C HIS C 65 0.60 16.97 -11.32
N GLN C 66 0.28 18.06 -12.05
CA GLN C 66 -0.27 17.99 -13.40
C GLN C 66 -1.59 17.20 -13.39
N PHE C 67 -2.43 17.48 -12.40
CA PHE C 67 -3.87 17.28 -12.51
C PHE C 67 -4.45 18.59 -13.06
N ARG D 6 20.92 -14.53 -14.09
CA ARG D 6 21.94 -14.42 -15.16
C ARG D 6 21.94 -12.98 -15.70
N GLN D 7 22.75 -12.73 -16.73
CA GLN D 7 22.66 -11.50 -17.52
C GLN D 7 21.60 -11.73 -18.60
N TRP D 8 20.85 -10.68 -18.97
CA TRP D 8 19.85 -10.80 -20.01
C TRP D 8 19.66 -9.45 -20.71
N ALA D 9 19.16 -9.49 -21.96
CA ALA D 9 18.50 -8.37 -22.62
C ALA D 9 17.45 -8.94 -23.56
N LEU D 10 16.69 -8.07 -24.27
CA LEU D 10 15.62 -8.55 -25.16
C LEU D 10 16.26 -9.42 -26.24
N GLU D 11 17.51 -9.08 -26.59
CA GLU D 11 18.31 -9.77 -27.59
C GLU D 11 18.53 -11.26 -27.26
N ASP D 12 18.16 -11.70 -26.04
CA ASP D 12 18.48 -13.04 -25.59
C ASP D 12 17.35 -14.01 -25.96
N PHE D 13 16.20 -13.47 -26.39
CA PHE D 13 15.04 -14.28 -26.69
C PHE D 13 14.20 -13.65 -27.80
N GLU D 14 13.32 -14.46 -28.39
CA GLU D 14 12.41 -14.05 -29.46
C GLU D 14 11.04 -13.74 -28.87
N ILE D 15 10.52 -12.54 -29.21
CA ILE D 15 9.22 -12.04 -28.79
C ILE D 15 8.14 -12.53 -29.76
N GLY D 16 7.04 -13.09 -29.23
CA GLY D 16 5.83 -13.33 -30.01
C GLY D 16 4.96 -12.06 -30.10
N ARG D 17 3.65 -12.20 -29.88
CA ARG D 17 2.74 -11.05 -29.87
C ARG D 17 1.88 -11.09 -28.61
N PRO D 18 1.19 -9.97 -28.27
CA PRO D 18 0.57 -9.80 -26.95
C PRO D 18 -0.23 -10.99 -26.39
N LEU D 19 -0.10 -11.21 -25.08
CA LEU D 19 -0.75 -12.29 -24.36
C LEU D 19 -1.64 -11.72 -23.26
N GLY D 20 -1.99 -10.42 -23.39
CA GLY D 20 -2.75 -9.68 -22.39
C GLY D 20 -2.08 -8.33 -22.11
N LYS D 21 -2.88 -7.32 -21.71
CA LYS D 21 -2.34 -5.99 -21.44
C LYS D 21 -2.85 -5.54 -20.08
N GLY D 22 -1.89 -5.26 -19.16
CA GLY D 22 -2.18 -4.88 -17.80
C GLY D 22 -1.83 -3.42 -17.50
N LYS D 23 -1.80 -3.09 -16.20
CA LYS D 23 -1.80 -1.71 -15.72
C LYS D 23 -0.51 -0.97 -16.08
N PHE D 24 0.62 -1.68 -16.26
CA PHE D 24 1.92 -1.04 -16.45
C PHE D 24 2.61 -1.42 -17.76
N GLY D 25 2.01 -2.35 -18.51
CA GLY D 25 2.57 -2.81 -19.77
C GLY D 25 2.00 -4.18 -20.12
N ASN D 26 2.71 -4.93 -20.98
CA ASN D 26 2.12 -6.06 -21.66
C ASN D 26 2.91 -7.31 -21.36
N VAL D 27 2.22 -8.43 -21.07
CA VAL D 27 2.87 -9.72 -21.21
C VAL D 27 2.87 -10.04 -22.71
N TYR D 28 3.95 -10.67 -23.20
CA TYR D 28 4.08 -11.16 -24.56
C TYR D 28 4.56 -12.60 -24.49
N LEU D 29 4.17 -13.42 -25.46
CA LEU D 29 4.76 -14.74 -25.60
C LEU D 29 6.21 -14.58 -26.07
N ALA D 30 7.07 -15.51 -25.66
CA ALA D 30 8.50 -15.37 -25.91
C ALA D 30 9.20 -16.73 -25.90
N ARG D 31 10.34 -16.78 -26.61
CA ARG D 31 11.15 -17.98 -26.68
C ARG D 31 12.60 -17.58 -26.55
N GLU D 32 13.36 -18.33 -25.74
CA GLU D 32 14.80 -18.14 -25.60
C GLU D 32 15.43 -18.60 -26.91
N LYS D 33 16.48 -17.90 -27.36
CA LYS D 33 17.02 -18.18 -28.68
C LYS D 33 17.76 -19.52 -28.69
N GLN D 34 18.56 -19.81 -27.66
CA GLN D 34 18.96 -21.19 -27.39
C GLN D 34 17.88 -21.82 -26.49
N SER D 35 17.93 -23.15 -26.32
CA SER D 35 16.99 -23.84 -25.44
C SER D 35 15.58 -23.89 -26.04
N LYS D 36 15.12 -22.76 -26.60
CA LYS D 36 13.84 -22.65 -27.28
C LYS D 36 12.71 -23.00 -26.30
N PHE D 37 12.73 -22.32 -25.15
CA PHE D 37 11.72 -22.52 -24.12
C PHE D 37 10.56 -21.55 -24.38
N ILE D 38 9.32 -22.07 -24.28
CA ILE D 38 8.13 -21.24 -24.33
C ILE D 38 7.96 -20.62 -22.95
N LEU D 39 7.92 -19.29 -22.91
CA LEU D 39 7.82 -18.54 -21.66
C LEU D 39 7.04 -17.25 -21.92
N ALA D 40 6.58 -16.61 -20.83
CA ALA D 40 5.94 -15.31 -20.92
C ALA D 40 6.93 -14.20 -20.55
N LEU D 41 6.82 -13.02 -21.21
CA LEU D 41 7.72 -11.89 -20.93
C LEU D 41 6.88 -10.66 -20.58
N LYS D 42 6.64 -10.47 -19.27
CA LYS D 42 6.00 -9.26 -18.76
C LYS D 42 6.98 -8.10 -18.93
N VAL D 43 6.42 -6.94 -19.28
CA VAL D 43 7.15 -5.72 -19.52
C VAL D 43 6.45 -4.60 -18.77
N LEU D 44 7.21 -3.74 -18.09
CA LEU D 44 6.65 -2.63 -17.33
C LEU D 44 7.44 -1.36 -17.65
N PHE D 45 6.74 -0.25 -17.89
CA PHE D 45 7.38 0.98 -18.33
C PHE D 45 7.83 1.73 -17.08
N LYS D 46 9.14 2.00 -16.99
CA LYS D 46 9.77 2.60 -15.82
C LYS D 46 9.02 3.88 -15.43
N ALA D 47 8.61 4.66 -16.42
CA ALA D 47 8.09 5.99 -16.17
C ALA D 47 6.73 5.91 -15.49
N GLN D 48 5.93 4.90 -15.80
CA GLN D 48 4.62 4.72 -15.19
C GLN D 48 4.79 4.08 -13.80
N LEU D 49 5.77 3.17 -13.68
CA LEU D 49 6.14 2.59 -12.40
C LEU D 49 6.54 3.67 -11.39
N GLU D 50 7.40 4.60 -11.84
CA GLU D 50 7.96 5.62 -10.95
C GLU D 50 6.86 6.61 -10.62
N LYS D 51 5.88 6.74 -11.53
CA LYS D 51 4.81 7.72 -11.42
C LYS D 51 3.80 7.28 -10.36
N ALA D 52 3.55 5.96 -10.27
CA ALA D 52 2.59 5.41 -9.32
C ALA D 52 3.27 5.08 -7.98
N GLY D 53 4.60 5.17 -7.93
CA GLY D 53 5.35 4.78 -6.75
C GLY D 53 5.16 3.29 -6.44
N VAL D 54 5.15 2.45 -7.48
CA VAL D 54 5.04 1.01 -7.32
C VAL D 54 6.42 0.34 -7.35
N GLU D 55 7.52 1.12 -7.51
CA GLU D 55 8.82 0.53 -7.86
C GLU D 55 9.31 -0.36 -6.71
N HIS D 56 9.39 0.18 -5.47
CA HIS D 56 9.77 -0.58 -4.28
C HIS D 56 8.98 -1.89 -4.15
N GLN D 57 7.65 -1.81 -4.29
CA GLN D 57 6.80 -2.97 -4.08
C GLN D 57 7.18 -4.07 -5.09
N LEU D 58 7.40 -3.66 -6.34
CA LEU D 58 7.67 -4.61 -7.40
C LEU D 58 8.98 -5.31 -7.10
N ARG D 59 9.98 -4.52 -6.70
CA ARG D 59 11.30 -5.07 -6.47
C ARG D 59 11.31 -6.11 -5.37
N ARG D 60 10.50 -5.92 -4.34
CA ARG D 60 10.45 -6.87 -3.23
C ARG D 60 9.73 -8.15 -3.66
N GLU D 61 8.65 -7.98 -4.44
CA GLU D 61 7.81 -9.09 -4.85
C GLU D 61 8.63 -10.09 -5.69
N VAL D 62 9.45 -9.54 -6.58
CA VAL D 62 10.36 -10.32 -7.41
C VAL D 62 11.23 -11.22 -6.52
N GLU D 63 11.91 -10.59 -5.58
CA GLU D 63 12.90 -11.23 -4.72
C GLU D 63 12.22 -12.33 -3.90
N ILE D 64 10.95 -12.11 -3.55
CA ILE D 64 10.25 -13.11 -2.77
C ILE D 64 9.88 -14.29 -3.66
N GLN D 65 9.28 -13.98 -4.83
CA GLN D 65 8.79 -15.02 -5.73
C GLN D 65 9.95 -15.89 -6.21
N SER D 66 11.08 -15.22 -6.47
CA SER D 66 12.28 -15.85 -7.01
C SER D 66 12.68 -17.10 -6.25
N HIS D 67 12.38 -17.22 -4.95
CA HIS D 67 12.89 -18.32 -4.15
C HIS D 67 11.83 -19.39 -3.89
N LEU D 68 10.81 -19.45 -4.75
CA LEU D 68 9.73 -20.42 -4.59
C LEU D 68 9.64 -21.28 -5.84
N ARG D 69 9.78 -22.60 -5.68
CA ARG D 69 9.74 -23.51 -6.81
C ARG D 69 8.69 -24.58 -6.55
N HIS D 70 7.56 -24.50 -7.25
CA HIS D 70 6.49 -25.49 -7.06
C HIS D 70 5.69 -25.59 -8.36
N PRO D 71 5.32 -26.82 -8.80
CA PRO D 71 4.48 -27.00 -9.97
C PRO D 71 3.19 -26.18 -9.94
N ASN D 72 2.73 -25.83 -8.71
CA ASN D 72 1.48 -25.11 -8.51
C ASN D 72 1.65 -23.63 -8.20
N ILE D 73 2.89 -23.14 -8.00
CA ILE D 73 3.20 -21.72 -7.85
C ILE D 73 3.86 -21.24 -9.15
N LEU D 74 3.26 -20.27 -9.85
CA LEU D 74 3.83 -19.83 -11.12
C LEU D 74 5.26 -19.37 -10.90
N ARG D 75 6.20 -19.85 -11.73
CA ARG D 75 7.63 -19.64 -11.52
C ARG D 75 8.06 -18.36 -12.25
N LEU D 76 8.99 -17.62 -11.60
CA LEU D 76 9.65 -16.44 -12.16
C LEU D 76 11.09 -16.82 -12.50
N TYR D 77 11.46 -16.69 -13.78
CA TYR D 77 12.72 -17.25 -14.27
C TYR D 77 13.83 -16.22 -14.05
N GLY D 78 13.48 -14.95 -14.24
CA GLY D 78 14.41 -13.88 -13.92
C GLY D 78 13.82 -12.53 -14.28
N TYR D 79 14.68 -11.52 -14.37
CA TYR D 79 14.25 -10.18 -14.73
C TYR D 79 15.46 -9.44 -15.28
N PHE D 80 15.22 -8.25 -15.86
CA PHE D 80 16.30 -7.47 -16.44
C PHE D 80 15.67 -6.13 -16.81
N HIS D 81 16.47 -5.14 -17.23
CA HIS D 81 15.88 -3.83 -17.46
C HIS D 81 16.74 -3.02 -18.42
N ASP D 82 16.15 -1.94 -18.95
CA ASP D 82 16.79 -1.01 -19.86
C ASP D 82 16.32 0.38 -19.43
N ALA D 83 16.71 1.43 -20.17
CA ALA D 83 16.46 2.82 -19.78
C ALA D 83 15.01 3.01 -19.35
N THR D 84 14.10 2.32 -20.04
CA THR D 84 12.71 2.71 -20.00
C THR D 84 11.82 1.58 -19.49
N ARG D 85 12.35 0.36 -19.32
CA ARG D 85 11.44 -0.73 -18.99
C ARG D 85 12.13 -1.84 -18.19
N VAL D 86 11.28 -2.62 -17.51
CA VAL D 86 11.65 -3.74 -16.63
C VAL D 86 10.98 -4.97 -17.23
N TYR D 87 11.59 -6.14 -17.09
CA TYR D 87 11.19 -7.30 -17.84
C TYR D 87 11.22 -8.54 -16.96
N LEU D 88 10.12 -9.29 -16.93
CA LEU D 88 10.05 -10.46 -16.09
C LEU D 88 9.93 -11.73 -16.94
N ILE D 89 10.98 -12.57 -16.92
CA ILE D 89 10.90 -13.88 -17.52
C ILE D 89 10.02 -14.74 -16.61
N LEU D 90 8.80 -15.02 -17.07
CA LEU D 90 7.80 -15.74 -16.30
C LEU D 90 7.36 -16.99 -17.05
N GLU D 91 7.03 -18.05 -16.30
CA GLU D 91 6.40 -19.24 -16.85
C GLU D 91 5.14 -18.84 -17.63
N TYR D 92 4.95 -19.50 -18.77
CA TYR D 92 3.78 -19.32 -19.60
C TYR D 92 2.61 -20.13 -19.01
N ALA D 93 1.40 -19.56 -19.11
CA ALA D 93 0.21 -20.22 -18.59
C ALA D 93 -0.88 -20.21 -19.65
N PRO D 94 -0.90 -21.24 -20.53
CA PRO D 94 -1.83 -21.31 -21.67
C PRO D 94 -3.27 -20.85 -21.45
N LEU D 95 -3.92 -21.37 -20.38
CA LEU D 95 -5.36 -21.27 -20.23
C LEU D 95 -5.79 -20.15 -19.27
N GLY D 96 -4.97 -19.11 -19.11
CA GLY D 96 -5.44 -17.82 -18.62
C GLY D 96 -5.71 -17.80 -17.10
N THR D 97 -6.57 -16.87 -16.67
CA THR D 97 -6.84 -16.68 -15.26
C THR D 97 -8.14 -17.39 -14.86
N VAL D 98 -8.20 -17.92 -13.63
CA VAL D 98 -9.42 -18.51 -13.09
C VAL D 98 -10.52 -17.44 -13.04
N TYR D 99 -10.13 -16.18 -12.80
CA TYR D 99 -11.10 -15.08 -12.84
C TYR D 99 -11.87 -15.06 -14.15
N ARG D 100 -11.14 -15.16 -15.27
CA ARG D 100 -11.74 -15.19 -16.60
C ARG D 100 -12.60 -16.44 -16.75
N GLU D 101 -12.09 -17.63 -16.35
CA GLU D 101 -12.85 -18.86 -16.51
C GLU D 101 -14.15 -18.79 -15.69
N LEU D 102 -14.18 -18.07 -14.55
CA LEU D 102 -15.39 -17.98 -13.72
C LEU D 102 -16.39 -17.00 -14.35
N GLN D 103 -15.91 -15.88 -14.91
CA GLN D 103 -16.81 -14.90 -15.53
C GLN D 103 -17.44 -15.50 -16.78
N LYS D 104 -16.86 -16.62 -17.29
CA LYS D 104 -17.40 -17.32 -18.44
C LYS D 104 -18.49 -18.29 -18.00
N LEU D 105 -18.15 -19.25 -17.12
CA LEU D 105 -19.05 -20.32 -16.70
C LEU D 105 -20.00 -19.90 -15.57
N SER D 106 -19.84 -18.69 -15.03
CA SER D 106 -20.63 -18.17 -13.91
C SER D 106 -20.23 -18.87 -12.60
N LYS D 107 -20.19 -20.20 -12.59
CA LYS D 107 -19.86 -20.98 -11.40
C LYS D 107 -19.26 -22.31 -11.85
N PHE D 108 -18.65 -23.04 -10.89
CA PHE D 108 -17.89 -24.25 -11.16
C PHE D 108 -18.53 -25.43 -10.45
N ASP D 109 -18.44 -26.61 -11.09
CA ASP D 109 -19.02 -27.84 -10.54
C ASP D 109 -18.16 -28.29 -9.36
N GLU D 110 -18.71 -29.17 -8.51
CA GLU D 110 -17.98 -29.63 -7.33
C GLU D 110 -16.65 -30.30 -7.74
N GLN D 111 -16.63 -31.05 -8.84
CA GLN D 111 -15.41 -31.75 -9.23
C GLN D 111 -14.32 -30.72 -9.51
N ARG D 112 -14.57 -29.71 -10.37
CA ARG D 112 -13.56 -28.71 -10.74
C ARG D 112 -13.01 -28.02 -9.49
N THR D 113 -13.91 -27.55 -8.63
CA THR D 113 -13.57 -26.78 -7.43
C THR D 113 -12.59 -27.56 -6.58
N ALA D 114 -13.03 -28.72 -6.08
CA ALA D 114 -12.19 -29.51 -5.16
C ALA D 114 -10.79 -29.75 -5.75
N THR D 115 -10.70 -29.91 -7.07
CA THR D 115 -9.41 -30.04 -7.73
C THR D 115 -8.59 -28.78 -7.45
N TYR D 116 -9.13 -27.64 -7.91
CA TYR D 116 -8.53 -26.34 -7.70
C TYR D 116 -8.13 -26.13 -6.24
N ILE D 117 -9.02 -26.44 -5.29
CA ILE D 117 -8.63 -26.36 -3.89
C ILE D 117 -7.37 -27.17 -3.61
N THR D 118 -7.36 -28.48 -3.90
CA THR D 118 -6.23 -29.33 -3.51
C THR D 118 -4.91 -28.81 -4.08
N GLU D 119 -4.94 -28.20 -5.28
CA GLU D 119 -3.74 -27.60 -5.86
C GLU D 119 -3.25 -26.44 -5.01
N LEU D 120 -4.20 -25.56 -4.70
CA LEU D 120 -3.96 -24.36 -3.92
C LEU D 120 -3.39 -24.74 -2.54
N ALA D 121 -4.04 -25.73 -1.91
CA ALA D 121 -3.60 -26.22 -0.61
C ALA D 121 -2.17 -26.75 -0.69
N ASN D 122 -1.85 -27.46 -1.78
CA ASN D 122 -0.51 -28.01 -1.93
C ASN D 122 0.50 -26.89 -2.02
N ALA D 123 0.25 -25.99 -2.98
CA ALA D 123 1.08 -24.78 -3.08
C ALA D 123 1.33 -24.15 -1.70
N LEU D 124 0.28 -23.92 -0.92
CA LEU D 124 0.42 -23.20 0.33
C LEU D 124 1.09 -24.07 1.38
N SER D 125 1.04 -25.39 1.24
CA SER D 125 1.78 -26.24 2.17
C SER D 125 3.26 -25.97 2.00
N TYR D 126 3.68 -25.79 0.73
CA TYR D 126 5.07 -25.48 0.40
C TYR D 126 5.46 -24.11 0.96
N CYS D 127 4.64 -23.09 0.67
CA CYS D 127 4.88 -21.75 1.16
C CYS D 127 5.09 -21.77 2.66
N HIS D 128 4.15 -22.39 3.37
CA HIS D 128 4.20 -22.39 4.83
C HIS D 128 5.38 -23.22 5.29
N SER D 129 5.92 -24.10 4.45
CA SER D 129 7.10 -24.86 4.82
C SER D 129 8.27 -23.88 4.97
N LYS D 130 8.33 -22.89 4.06
CA LYS D 130 9.35 -21.85 4.01
C LYS D 130 8.97 -20.59 4.80
N ARG D 131 7.93 -20.69 5.62
CA ARG D 131 7.46 -19.62 6.50
C ARG D 131 6.86 -18.43 5.73
N VAL D 132 6.60 -18.59 4.43
CA VAL D 132 6.00 -17.54 3.62
C VAL D 132 4.47 -17.64 3.63
N ILE D 133 3.81 -16.48 3.77
CA ILE D 133 2.37 -16.36 3.71
C ILE D 133 2.01 -15.45 2.53
N HIS D 134 0.89 -15.77 1.85
CA HIS D 134 0.56 -15.14 0.59
C HIS D 134 -0.27 -13.87 0.81
N ARG D 135 -1.28 -13.98 1.69
CA ARG D 135 -2.12 -12.87 2.10
C ARG D 135 -2.96 -12.26 0.97
N ASP D 136 -2.96 -12.80 -0.27
CA ASP D 136 -3.75 -12.23 -1.35
C ASP D 136 -4.22 -13.28 -2.36
N ILE D 137 -4.39 -14.53 -1.92
CA ILE D 137 -4.98 -15.56 -2.76
C ILE D 137 -6.35 -15.06 -3.20
N LYS D 138 -6.52 -14.92 -4.51
CA LYS D 138 -7.79 -14.49 -5.09
C LYS D 138 -7.80 -14.93 -6.54
N PRO D 139 -8.96 -14.99 -7.23
CA PRO D 139 -9.03 -15.44 -8.62
C PRO D 139 -8.23 -14.67 -9.67
N GLU D 140 -8.17 -13.33 -9.57
CA GLU D 140 -7.34 -12.59 -10.51
C GLU D 140 -5.87 -13.02 -10.40
N ASN D 141 -5.48 -13.66 -9.29
CA ASN D 141 -4.09 -14.06 -9.06
C ASN D 141 -3.87 -15.54 -9.40
N LEU D 142 -4.82 -16.18 -10.09
CA LEU D 142 -4.82 -17.63 -10.22
C LEU D 142 -4.82 -17.96 -11.71
N LEU D 143 -3.68 -18.47 -12.21
CA LEU D 143 -3.43 -18.67 -13.63
C LEU D 143 -3.45 -20.18 -13.93
N LEU D 144 -3.98 -20.56 -15.10
CA LEU D 144 -4.31 -21.94 -15.42
C LEU D 144 -3.24 -22.53 -16.38
N GLY D 145 -2.74 -23.74 -16.06
CA GLY D 145 -1.60 -24.38 -16.72
C GLY D 145 -2.00 -25.22 -17.93
N SER D 146 -1.05 -26.00 -18.48
CA SER D 146 -1.28 -26.76 -19.71
C SER D 146 -2.37 -27.81 -19.48
N ALA D 147 -2.31 -28.52 -18.35
CA ALA D 147 -3.30 -29.53 -17.99
C ALA D 147 -4.50 -28.92 -17.24
N GLY D 148 -4.74 -27.61 -17.40
CA GLY D 148 -5.66 -26.88 -16.53
C GLY D 148 -5.22 -26.93 -15.05
N GLU D 149 -3.89 -26.84 -14.86
CA GLU D 149 -3.25 -26.88 -13.57
C GLU D 149 -3.27 -25.47 -12.98
N LEU D 150 -3.40 -25.34 -11.65
CA LEU D 150 -3.44 -24.03 -11.01
C LEU D 150 -2.01 -23.57 -10.72
N LYS D 151 -1.73 -22.33 -11.14
CA LYS D 151 -0.47 -21.67 -10.81
C LYS D 151 -0.78 -20.38 -10.03
N ILE D 152 -0.44 -20.34 -8.72
CA ILE D 152 -0.59 -19.15 -7.88
C ILE D 152 0.54 -18.16 -8.23
N ALA D 153 0.21 -16.89 -8.44
CA ALA D 153 1.19 -15.85 -8.77
C ALA D 153 1.20 -14.75 -7.70
N ASN D 154 1.94 -13.67 -7.97
CA ASN D 154 1.80 -12.39 -7.30
C ASN D 154 1.98 -12.50 -5.77
N PHE D 155 3.20 -12.80 -5.32
CA PHE D 155 3.53 -12.83 -3.90
C PHE D 155 4.21 -11.51 -3.52
N GLY D 156 3.86 -10.95 -2.35
CA GLY D 156 4.42 -9.67 -1.92
C GLY D 156 3.51 -8.85 -1.00
N TRP D 157 2.19 -8.86 -1.24
CA TRP D 157 1.24 -8.25 -0.31
C TRP D 157 -0.10 -8.07 -1.03
N ALA D 170 -13.48 -1.93 -4.49
CA ALA D 170 -14.14 -3.13 -3.90
C ALA D 170 -13.18 -4.30 -4.06
N GLY D 171 -13.56 -5.48 -3.55
CA GLY D 171 -12.78 -6.70 -3.76
C GLY D 171 -11.30 -6.50 -3.39
N THR D 172 -11.02 -5.39 -2.69
CA THR D 172 -9.72 -5.18 -2.08
C THR D 172 -9.78 -5.81 -0.67
N LEU D 173 -10.99 -6.21 -0.22
CA LEU D 173 -11.12 -6.78 1.10
C LEU D 173 -12.02 -8.03 1.14
N ASP D 174 -12.54 -8.52 0.01
CA ASP D 174 -13.49 -9.63 0.09
C ASP D 174 -12.82 -10.92 0.61
N TYR D 175 -11.51 -11.10 0.35
CA TYR D 175 -10.84 -12.36 0.65
C TYR D 175 -9.97 -12.21 1.90
N LEU D 176 -10.09 -11.04 2.57
CA LEU D 176 -9.32 -10.75 3.76
C LEU D 176 -10.08 -11.24 4.98
N PRO D 177 -9.37 -11.87 5.93
CA PRO D 177 -9.98 -12.27 7.20
C PRO D 177 -10.05 -11.14 8.21
N PRO D 178 -10.83 -11.30 9.29
CA PRO D 178 -10.93 -10.28 10.33
C PRO D 178 -9.59 -9.71 10.79
N GLU D 179 -8.60 -10.58 11.01
CA GLU D 179 -7.43 -10.15 11.76
C GLU D 179 -6.59 -9.20 10.91
N MET D 180 -6.86 -9.12 9.60
CA MET D 180 -6.03 -8.31 8.72
C MET D 180 -6.71 -6.96 8.41
N ILE D 181 -8.05 -6.95 8.26
CA ILE D 181 -8.78 -5.69 8.18
C ILE D 181 -8.55 -4.86 9.46
N GLU D 182 -8.33 -5.54 10.60
CA GLU D 182 -8.28 -4.91 11.90
C GLU D 182 -6.83 -4.60 12.32
N GLY D 183 -5.86 -4.88 11.44
CA GLY D 183 -4.46 -4.53 11.71
C GLY D 183 -3.80 -5.40 12.79
N ARG D 184 -4.46 -6.51 13.15
CA ARG D 184 -4.04 -7.32 14.28
C ARG D 184 -3.00 -8.33 13.80
N MET D 185 -2.28 -8.97 14.74
CA MET D 185 -1.36 -10.09 14.48
C MET D 185 -2.03 -11.12 13.57
N HIS D 186 -1.24 -11.71 12.66
CA HIS D 186 -1.75 -12.70 11.72
C HIS D 186 -0.69 -13.78 11.46
N ASP D 187 -1.17 -14.94 10.98
CA ASP D 187 -0.33 -16.12 10.76
C ASP D 187 -0.70 -16.71 9.40
N GLU D 188 -0.48 -18.01 9.27
CA GLU D 188 -0.69 -18.75 8.03
C GLU D 188 -2.17 -19.06 7.87
N LYS D 189 -2.89 -19.03 8.99
CA LYS D 189 -4.31 -19.27 9.00
C LYS D 189 -5.08 -18.18 8.26
N VAL D 190 -4.38 -17.24 7.62
CA VAL D 190 -5.06 -16.23 6.84
C VAL D 190 -5.28 -16.79 5.43
N ASP D 191 -4.44 -17.76 5.04
CA ASP D 191 -4.56 -18.34 3.71
C ASP D 191 -5.67 -19.38 3.73
N LEU D 192 -5.92 -19.93 4.91
CA LEU D 192 -7.01 -20.85 5.10
C LEU D 192 -8.34 -20.12 5.02
N TRP D 193 -8.43 -18.93 5.61
CA TRP D 193 -9.63 -18.14 5.46
C TRP D 193 -9.85 -17.85 3.98
N SER D 194 -8.78 -17.45 3.31
CA SER D 194 -8.92 -17.02 1.94
C SER D 194 -9.36 -18.20 1.10
N LEU D 195 -8.92 -19.39 1.52
CA LEU D 195 -9.22 -20.60 0.79
C LEU D 195 -10.71 -20.91 0.85
N GLY D 196 -11.29 -20.84 2.06
CA GLY D 196 -12.72 -20.98 2.27
C GLY D 196 -13.53 -19.96 1.49
N VAL D 197 -13.04 -18.73 1.45
CA VAL D 197 -13.70 -17.72 0.66
C VAL D 197 -13.71 -18.17 -0.80
N LEU D 198 -12.59 -18.76 -1.26
CA LEU D 198 -12.40 -19.11 -2.66
C LEU D 198 -13.26 -20.31 -3.04
N CYS D 199 -13.33 -21.26 -2.11
CA CYS D 199 -14.22 -22.39 -2.28
C CYS D 199 -15.65 -21.88 -2.51
N TYR D 200 -16.15 -21.06 -1.59
CA TYR D 200 -17.48 -20.47 -1.74
C TYR D 200 -17.62 -19.81 -3.11
N GLU D 201 -16.67 -18.96 -3.51
CA GLU D 201 -16.87 -18.21 -4.74
C GLU D 201 -16.95 -19.15 -5.95
N PHE D 202 -16.10 -20.17 -5.96
CA PHE D 202 -16.11 -21.15 -7.02
C PHE D 202 -17.50 -21.78 -7.15
N LEU D 203 -18.00 -22.39 -6.07
CA LEU D 203 -19.28 -23.06 -6.09
C LEU D 203 -20.46 -22.11 -6.31
N VAL D 204 -20.36 -20.84 -5.88
CA VAL D 204 -21.53 -19.98 -5.81
C VAL D 204 -21.41 -18.86 -6.82
N GLY D 205 -20.18 -18.45 -7.15
CA GLY D 205 -19.96 -17.55 -8.28
C GLY D 205 -19.72 -16.11 -7.86
N LYS D 206 -20.02 -15.81 -6.59
CA LYS D 206 -19.73 -14.52 -5.98
C LYS D 206 -19.13 -14.79 -4.59
N PRO D 207 -18.34 -13.86 -4.00
CA PRO D 207 -17.77 -14.09 -2.67
C PRO D 207 -18.83 -14.03 -1.55
N PRO D 208 -18.57 -14.69 -0.41
CA PRO D 208 -19.57 -14.82 0.64
C PRO D 208 -19.91 -13.54 1.41
N PHE D 209 -18.98 -12.58 1.49
CA PHE D 209 -19.20 -11.41 2.34
C PHE D 209 -19.46 -10.14 1.51
N GLU D 210 -19.51 -10.28 0.19
CA GLU D 210 -19.71 -9.17 -0.72
C GLU D 210 -20.88 -8.30 -0.27
N ALA D 211 -20.62 -7.00 -0.14
CA ALA D 211 -21.65 -6.02 0.14
C ALA D 211 -21.41 -4.82 -0.80
N ALA D 212 -22.18 -3.74 -0.64
CA ALA D 212 -22.19 -2.65 -1.61
C ALA D 212 -21.12 -1.62 -1.28
N THR D 213 -20.64 -1.65 -0.03
CA THR D 213 -19.81 -0.62 0.57
C THR D 213 -18.68 -1.27 1.38
N TYR D 214 -17.55 -0.58 1.50
CA TYR D 214 -16.49 -0.99 2.40
C TYR D 214 -17.10 -1.30 3.77
N ALA D 215 -17.84 -0.36 4.35
CA ALA D 215 -18.24 -0.53 5.74
C ALA D 215 -19.18 -1.72 5.89
N GLU D 216 -20.08 -1.95 4.94
CA GLU D 216 -21.05 -3.04 5.12
C GLU D 216 -20.29 -4.36 4.94
N THR D 217 -19.32 -4.43 4.00
CA THR D 217 -18.49 -5.62 3.82
C THR D 217 -17.74 -5.94 5.11
N TYR D 218 -16.98 -4.96 5.61
CA TYR D 218 -16.29 -5.04 6.90
C TYR D 218 -17.24 -5.54 7.99
N LYS D 219 -18.49 -5.02 8.08
CA LYS D 219 -19.45 -5.47 9.08
C LYS D 219 -19.62 -6.98 8.94
N ARG D 220 -19.84 -7.45 7.70
CA ARG D 220 -20.15 -8.84 7.42
C ARG D 220 -19.00 -9.79 7.79
N ILE D 221 -17.77 -9.40 7.43
CA ILE D 221 -16.61 -10.24 7.69
C ILE D 221 -16.42 -10.40 9.20
N SER D 222 -16.44 -9.29 9.94
CA SER D 222 -16.14 -9.31 11.36
C SER D 222 -17.13 -10.19 12.13
N ARG D 223 -18.34 -10.32 11.57
CA ARG D 223 -19.36 -11.18 12.17
C ARG D 223 -19.43 -12.54 11.48
N VAL D 224 -18.50 -12.88 10.58
CA VAL D 224 -18.61 -14.05 9.71
C VAL D 224 -20.08 -14.33 9.40
N GLU D 225 -20.79 -13.31 8.85
CA GLU D 225 -22.18 -13.40 8.42
C GLU D 225 -22.26 -13.73 6.93
N PHE D 226 -22.49 -15.01 6.63
CA PHE D 226 -22.74 -15.45 5.26
C PHE D 226 -23.83 -16.50 5.25
N ALA D 227 -24.36 -16.76 4.06
CA ALA D 227 -25.33 -17.83 3.88
C ALA D 227 -25.05 -18.58 2.59
N PHE D 228 -25.62 -19.77 2.51
CA PHE D 228 -25.40 -20.60 1.35
C PHE D 228 -26.64 -20.61 0.48
N PRO D 229 -26.46 -20.53 -0.86
CA PRO D 229 -27.52 -20.93 -1.80
C PRO D 229 -28.00 -22.34 -1.49
N ALA D 230 -29.26 -22.61 -1.83
CA ALA D 230 -29.92 -23.89 -1.52
C ALA D 230 -29.11 -25.07 -2.05
N PHE D 231 -28.63 -24.90 -3.28
CA PHE D 231 -28.07 -26.01 -4.04
C PHE D 231 -26.70 -26.47 -3.54
N VAL D 232 -26.00 -25.66 -2.74
CA VAL D 232 -24.70 -26.03 -2.19
C VAL D 232 -24.86 -27.25 -1.27
N THR D 233 -23.99 -28.26 -1.46
CA THR D 233 -24.11 -29.58 -0.86
C THR D 233 -23.62 -29.61 0.58
N GLU D 234 -24.03 -30.65 1.32
CA GLU D 234 -23.74 -30.71 2.74
C GLU D 234 -22.23 -30.77 2.94
N GLY D 235 -21.53 -31.26 1.92
CA GLY D 235 -20.11 -31.49 2.04
C GLY D 235 -19.33 -30.18 2.00
N ALA D 236 -19.59 -29.40 0.95
CA ALA D 236 -18.95 -28.11 0.74
C ALA D 236 -19.31 -27.16 1.88
N ARG D 237 -20.60 -27.12 2.23
CA ARG D 237 -21.03 -26.31 3.35
C ARG D 237 -20.14 -26.54 4.56
N ASP D 238 -19.82 -27.82 4.81
CA ASP D 238 -19.13 -28.18 6.05
C ASP D 238 -17.70 -27.64 6.01
N LEU D 239 -17.02 -27.80 4.87
CA LEU D 239 -15.63 -27.43 4.73
C LEU D 239 -15.47 -25.91 4.74
N ILE D 240 -16.25 -25.23 3.89
CA ILE D 240 -16.32 -23.78 3.87
C ILE D 240 -16.59 -23.21 5.27
N SER D 241 -17.56 -23.78 5.99
CA SER D 241 -17.88 -23.32 7.33
C SER D 241 -16.69 -23.49 8.26
N ARG D 242 -15.91 -24.54 8.04
CA ARG D 242 -14.79 -24.85 8.91
C ARG D 242 -13.72 -23.79 8.72
N LEU D 243 -13.53 -23.37 7.46
CA LEU D 243 -12.49 -22.44 7.08
C LEU D 243 -12.85 -21.03 7.56
N LEU D 244 -14.11 -20.62 7.39
CA LEU D 244 -14.52 -19.28 7.80
C LEU D 244 -14.98 -19.32 9.24
N LYS D 245 -14.00 -19.32 10.15
CA LYS D 245 -14.26 -19.12 11.56
C LYS D 245 -13.55 -17.83 11.90
N HIS D 246 -14.12 -17.05 12.84
CA HIS D 246 -13.54 -15.77 13.21
C HIS D 246 -12.17 -16.01 13.81
N ASN D 247 -12.15 -16.84 14.87
CA ASN D 247 -10.93 -17.20 15.58
C ASN D 247 -9.99 -17.99 14.66
N PRO D 248 -8.79 -17.48 14.32
CA PRO D 248 -7.93 -18.19 13.38
C PRO D 248 -7.45 -19.55 13.88
N SER D 249 -7.48 -19.78 15.20
CA SER D 249 -6.94 -21.00 15.75
C SER D 249 -7.96 -22.14 15.68
N GLN D 250 -9.22 -21.86 15.29
CA GLN D 250 -10.22 -22.90 15.08
C GLN D 250 -10.39 -23.23 13.61
N ARG D 251 -9.55 -22.64 12.76
CA ARG D 251 -9.51 -23.03 11.35
C ARG D 251 -8.68 -24.30 11.28
N PRO D 252 -8.89 -25.14 10.24
CA PRO D 252 -8.20 -26.42 10.13
C PRO D 252 -6.76 -26.17 9.72
N MET D 253 -5.96 -27.26 9.75
CA MET D 253 -4.64 -27.27 9.14
C MET D 253 -4.83 -27.62 7.68
N LEU D 254 -3.83 -27.33 6.85
CA LEU D 254 -3.98 -27.66 5.45
C LEU D 254 -4.08 -29.17 5.24
N ARG D 255 -3.44 -29.98 6.11
CA ARG D 255 -3.56 -31.44 6.06
C ARG D 255 -5.04 -31.81 6.08
N GLU D 256 -5.78 -31.21 7.02
CA GLU D 256 -7.17 -31.57 7.26
C GLU D 256 -8.09 -31.23 6.08
N VAL D 257 -7.74 -30.18 5.32
CA VAL D 257 -8.45 -29.80 4.12
C VAL D 257 -8.28 -30.86 3.03
N LEU D 258 -7.03 -31.27 2.80
CA LEU D 258 -6.70 -32.22 1.75
C LEU D 258 -7.37 -33.58 2.06
N GLU D 259 -7.52 -33.90 3.36
CA GLU D 259 -8.10 -35.15 3.82
C GLU D 259 -9.62 -35.10 3.98
N HIS D 260 -10.20 -33.91 3.84
CA HIS D 260 -11.64 -33.71 3.97
C HIS D 260 -12.44 -34.60 3.01
N PRO D 261 -13.46 -35.33 3.54
CA PRO D 261 -14.30 -36.21 2.72
C PRO D 261 -14.77 -35.60 1.40
N TRP D 262 -15.17 -34.31 1.45
CA TRP D 262 -15.72 -33.66 0.28
C TRP D 262 -14.64 -33.46 -0.79
N ILE D 263 -13.37 -33.42 -0.35
CA ILE D 263 -12.28 -33.06 -1.25
C ILE D 263 -11.76 -34.31 -1.97
N THR D 264 -11.57 -35.38 -1.18
CA THR D 264 -11.12 -36.66 -1.69
C THR D 264 -12.08 -37.10 -2.80
N ALA D 265 -13.38 -37.02 -2.47
CA ALA D 265 -14.50 -37.46 -3.30
C ALA D 265 -14.53 -36.78 -4.66
N ASN D 266 -14.13 -35.50 -4.76
CA ASN D 266 -14.50 -34.72 -5.92
C ASN D 266 -13.29 -34.19 -6.67
N SER D 267 -12.07 -34.37 -6.14
CA SER D 267 -10.88 -33.86 -6.82
C SER D 267 -10.39 -34.85 -7.89
N SER D 268 -10.04 -34.36 -9.10
CA SER D 268 -9.52 -35.24 -10.15
C SER D 268 -8.38 -36.12 -9.59
N VAL E 6 23.61 -4.94 -27.08
CA VAL E 6 22.28 -4.31 -27.37
C VAL E 6 22.45 -2.79 -27.17
N SER E 7 21.40 -2.01 -27.47
CA SER E 7 21.27 -0.67 -26.91
C SER E 7 21.27 -0.78 -25.38
N SER E 8 22.23 -0.07 -24.76
CA SER E 8 22.68 -0.33 -23.41
C SER E 8 23.01 0.99 -22.69
N VAL E 9 23.35 0.89 -21.40
CA VAL E 9 23.78 2.04 -20.60
C VAL E 9 25.18 1.77 -20.05
N PRO E 10 26.14 2.70 -20.25
CA PRO E 10 25.95 3.87 -21.13
C PRO E 10 26.02 3.49 -22.60
N THR E 11 25.85 4.49 -23.46
CA THR E 11 25.64 4.28 -24.88
C THR E 11 26.95 4.18 -25.64
N LYS E 12 27.76 5.24 -25.62
CA LYS E 12 28.96 5.29 -26.46
C LYS E 12 30.19 5.34 -25.55
N LEU E 13 31.07 4.34 -25.69
CA LEU E 13 32.27 4.28 -24.87
C LEU E 13 33.51 4.42 -25.76
N GLU E 14 34.23 5.53 -25.57
CA GLU E 14 35.39 5.89 -26.36
C GLU E 14 36.59 6.06 -25.42
N VAL E 15 37.75 5.54 -25.80
CA VAL E 15 39.00 5.94 -25.19
C VAL E 15 39.46 7.25 -25.83
N VAL E 16 39.56 8.32 -25.05
CA VAL E 16 39.69 9.66 -25.61
C VAL E 16 41.05 10.28 -25.29
N ALA E 17 41.97 9.48 -24.76
CA ALA E 17 43.35 9.92 -24.63
C ALA E 17 44.11 8.83 -23.90
N ALA E 18 45.41 8.70 -24.17
CA ALA E 18 46.15 7.54 -23.71
C ALA E 18 47.65 7.71 -23.89
N THR E 19 48.38 7.04 -23.01
CA THR E 19 49.83 6.97 -23.07
C THR E 19 50.22 5.50 -23.05
N PRO E 20 51.48 5.13 -23.34
CA PRO E 20 51.95 3.76 -23.13
C PRO E 20 51.33 3.00 -21.96
N THR E 21 51.19 3.65 -20.79
CA THR E 21 50.76 2.95 -19.58
C THR E 21 49.53 3.59 -18.90
N SER E 22 48.85 4.55 -19.55
CA SER E 22 47.69 5.19 -18.93
C SER E 22 46.67 5.47 -20.01
N LEU E 23 45.37 5.48 -19.65
CA LEU E 23 44.39 5.92 -20.62
C LEU E 23 43.16 6.52 -19.93
N LEU E 24 42.35 7.17 -20.77
CA LEU E 24 41.17 7.82 -20.29
C LEU E 24 39.97 7.42 -21.16
N ILE E 25 39.00 6.72 -20.55
CA ILE E 25 37.76 6.38 -21.22
C ILE E 25 36.72 7.43 -20.89
N SER E 26 35.79 7.64 -21.83
CA SER E 26 34.69 8.57 -21.65
C SER E 26 33.39 7.93 -22.16
N TRP E 27 32.25 8.46 -21.69
CA TRP E 27 30.97 7.99 -22.17
C TRP E 27 29.93 9.09 -22.06
N ASP E 28 28.80 8.85 -22.73
CA ASP E 28 27.73 9.82 -22.85
C ASP E 28 26.80 9.65 -21.65
N ALA E 29 26.59 10.74 -20.91
CA ALA E 29 25.79 10.73 -19.69
C ALA E 29 24.37 10.24 -19.99
N PRO E 30 23.87 9.20 -19.30
CA PRO E 30 22.73 8.43 -19.82
C PRO E 30 21.31 8.91 -19.51
N ALA E 31 21.18 10.00 -18.73
CA ALA E 31 19.87 10.57 -18.39
C ALA E 31 19.12 9.74 -17.33
N VAL E 32 18.91 8.44 -17.59
CA VAL E 32 18.59 7.50 -16.54
C VAL E 32 19.52 7.78 -15.34
N THR E 33 18.95 7.95 -14.14
CA THR E 33 19.73 8.17 -12.92
C THR E 33 20.56 6.93 -12.58
N VAL E 34 21.85 7.10 -12.32
CA VAL E 34 22.73 5.99 -12.02
C VAL E 34 23.43 6.20 -10.67
N VAL E 35 23.36 5.20 -9.80
CA VAL E 35 24.06 5.20 -8.51
C VAL E 35 25.58 5.32 -8.73
N HIS E 36 26.18 4.31 -9.37
CA HIS E 36 27.59 4.36 -9.69
C HIS E 36 27.89 3.42 -10.85
N TYR E 37 29.02 3.65 -11.52
CA TYR E 37 29.52 2.75 -12.55
C TYR E 37 30.62 1.85 -11.98
N VAL E 38 30.53 0.55 -12.24
CA VAL E 38 31.67 -0.35 -12.09
C VAL E 38 32.47 -0.36 -13.39
N ILE E 39 33.81 -0.40 -13.27
CA ILE E 39 34.70 -0.46 -14.42
C ILE E 39 35.63 -1.67 -14.24
N THR E 40 35.57 -2.62 -15.17
CA THR E 40 36.46 -3.77 -15.20
C THR E 40 37.47 -3.48 -16.31
N TYR E 41 38.75 -3.78 -16.08
CA TYR E 41 39.74 -3.82 -17.16
C TYR E 41 40.68 -5.01 -16.94
N GLY E 42 41.11 -5.62 -18.06
CA GLY E 42 42.16 -6.62 -18.00
C GLY E 42 42.71 -6.96 -19.38
N GLU E 43 43.88 -7.64 -19.35
CA GLU E 43 44.59 -8.05 -20.55
C GLU E 43 43.70 -9.01 -21.32
N THR E 44 43.38 -8.69 -22.57
CA THR E 44 42.39 -9.43 -23.36
C THR E 44 42.77 -10.90 -23.56
N GLY E 45 41.90 -11.80 -23.09
CA GLY E 45 42.08 -13.24 -23.21
C GLY E 45 43.49 -13.71 -22.79
N GLY E 46 44.12 -12.99 -21.87
CA GLY E 46 45.47 -13.32 -21.44
C GLY E 46 45.52 -13.86 -20.01
N ASN E 47 44.38 -14.38 -19.52
CA ASN E 47 44.33 -15.24 -18.34
C ASN E 47 45.17 -14.67 -17.19
N SER E 48 45.14 -13.34 -17.00
CA SER E 48 45.47 -12.72 -15.73
C SER E 48 44.15 -12.25 -15.11
N PRO E 49 44.08 -11.93 -13.79
CA PRO E 49 42.80 -11.60 -13.16
C PRO E 49 42.27 -10.26 -13.69
N VAL E 50 40.95 -10.15 -13.92
CA VAL E 50 40.33 -8.88 -14.27
C VAL E 50 40.37 -7.94 -13.06
N GLN E 51 40.41 -6.63 -13.34
CA GLN E 51 40.56 -5.65 -12.28
C GLN E 51 39.40 -4.68 -12.34
N GLU E 52 38.98 -4.23 -11.15
CA GLU E 52 37.67 -3.63 -10.98
C GLU E 52 37.72 -2.47 -9.99
N PHE E 53 37.01 -1.39 -10.35
CA PHE E 53 36.91 -0.22 -9.50
C PHE E 53 35.61 0.51 -9.78
N THR E 54 35.32 1.53 -8.97
CA THR E 54 34.01 2.14 -8.99
C THR E 54 34.11 3.65 -9.09
N VAL E 55 33.14 4.21 -9.79
CA VAL E 55 33.11 5.61 -10.14
C VAL E 55 31.73 6.11 -9.77
N PRO E 56 31.61 7.31 -9.16
CA PRO E 56 30.30 7.87 -8.83
C PRO E 56 29.49 8.14 -10.08
N GLY E 57 28.16 8.06 -9.94
CA GLY E 57 27.23 8.16 -11.06
C GLY E 57 27.22 9.55 -11.71
N SER E 58 27.73 10.55 -10.99
CA SER E 58 27.84 11.89 -11.51
C SER E 58 28.97 11.98 -12.55
N LYS E 59 29.96 11.10 -12.45
CA LYS E 59 31.14 11.15 -13.32
C LYS E 59 30.80 10.51 -14.68
N SER E 60 31.55 10.89 -15.72
CA SER E 60 31.32 10.46 -17.10
C SER E 60 32.59 9.97 -17.77
N THR E 61 33.74 10.16 -17.11
CA THR E 61 35.01 9.65 -17.59
C THR E 61 35.63 8.77 -16.52
N ALA E 62 36.74 8.13 -16.88
CA ALA E 62 37.50 7.36 -15.91
C ALA E 62 38.90 7.20 -16.47
N THR E 63 39.89 7.17 -15.58
CA THR E 63 41.27 7.19 -15.95
C THR E 63 41.96 6.03 -15.26
N ILE E 64 42.72 5.28 -16.04
CA ILE E 64 43.42 4.09 -15.61
C ILE E 64 44.88 4.33 -15.91
N SER E 65 45.75 4.10 -14.94
CA SER E 65 47.17 4.21 -15.19
C SER E 65 47.85 2.99 -14.59
N GLY E 66 49.11 2.78 -15.00
CA GLY E 66 49.90 1.63 -14.59
C GLY E 66 49.66 0.40 -15.47
N LEU E 67 49.38 0.62 -16.76
CA LEU E 67 49.14 -0.49 -17.67
C LEU E 67 50.46 -0.94 -18.28
N LYS E 68 50.36 -2.00 -19.11
CA LYS E 68 51.49 -2.56 -19.81
C LYS E 68 51.50 -2.02 -21.24
N PRO E 69 52.69 -1.58 -21.74
CA PRO E 69 52.79 -1.01 -23.08
C PRO E 69 52.50 -2.05 -24.15
N GLY E 70 51.80 -1.61 -25.21
CA GLY E 70 51.55 -2.39 -26.41
C GLY E 70 50.69 -3.65 -26.21
N VAL E 71 49.97 -3.74 -25.10
CA VAL E 71 49.10 -4.89 -24.83
C VAL E 71 47.68 -4.53 -25.24
N ASP E 72 46.93 -5.51 -25.77
CA ASP E 72 45.52 -5.31 -26.06
C ASP E 72 44.73 -5.56 -24.76
N TYR E 73 43.91 -4.57 -24.36
CA TYR E 73 43.19 -4.53 -23.09
C TYR E 73 41.68 -4.44 -23.35
N THR E 74 40.89 -5.08 -22.47
CA THR E 74 39.44 -4.91 -22.56
C THR E 74 38.85 -4.18 -21.34
N ILE E 75 38.02 -3.18 -21.67
CA ILE E 75 37.48 -2.26 -20.69
C ILE E 75 35.96 -2.35 -20.76
N THR E 76 35.37 -2.89 -19.69
CA THR E 76 33.93 -3.01 -19.55
C THR E 76 33.42 -1.99 -18.53
N VAL E 77 32.39 -1.20 -18.89
CA VAL E 77 31.69 -0.30 -17.99
C VAL E 77 30.27 -0.82 -17.69
N TYR E 78 29.92 -0.94 -16.41
CA TYR E 78 28.56 -1.28 -15.98
C TYR E 78 27.92 -0.12 -15.23
N ALA E 79 26.68 0.25 -15.56
CA ALA E 79 25.96 1.24 -14.78
C ALA E 79 25.03 0.49 -13.82
N ILE E 80 24.84 1.03 -12.60
CA ILE E 80 24.01 0.34 -11.62
C ILE E 80 22.82 1.21 -11.24
N ASP E 81 21.62 0.60 -11.30
CA ASP E 81 20.40 1.26 -10.87
C ASP E 81 20.14 0.82 -9.42
N PHE E 82 19.60 1.76 -8.64
CA PHE E 82 19.26 1.54 -7.25
C PHE E 82 18.51 0.21 -7.04
N TYR E 83 17.47 -0.05 -7.84
CA TYR E 83 16.56 -1.16 -7.56
C TYR E 83 16.89 -2.40 -8.38
N TRP E 84 17.27 -2.17 -9.64
CA TRP E 84 17.14 -3.20 -10.67
C TRP E 84 18.49 -3.87 -10.96
N GLY E 85 19.56 -3.35 -10.39
CA GLY E 85 20.86 -3.98 -10.56
C GLY E 85 21.59 -3.31 -11.71
N SER E 86 22.40 -4.11 -12.41
CA SER E 86 23.16 -3.61 -13.54
C SER E 86 22.30 -3.60 -14.80
N TYR E 87 22.51 -2.55 -15.58
CA TYR E 87 22.09 -2.48 -16.97
C TYR E 87 22.94 -3.42 -17.81
N SER E 88 22.53 -3.58 -19.08
CA SER E 88 23.38 -4.25 -20.06
C SER E 88 24.63 -3.40 -20.27
N PRO E 89 25.83 -4.01 -20.11
CA PRO E 89 27.10 -3.31 -20.26
C PRO E 89 27.58 -3.00 -21.66
N ILE E 90 28.63 -2.16 -21.72
CA ILE E 90 29.32 -1.78 -22.94
C ILE E 90 30.80 -2.11 -22.73
N SER E 91 31.50 -2.51 -23.81
CA SER E 91 32.91 -2.91 -23.76
C SER E 91 33.68 -2.23 -24.90
N ILE E 92 35.01 -2.09 -24.74
CA ILE E 92 35.89 -1.57 -25.78
C ILE E 92 37.21 -2.31 -25.63
N ASN E 93 37.94 -2.41 -26.74
CA ASN E 93 39.29 -2.97 -26.80
C ASN E 93 40.28 -1.85 -27.14
N TYR E 94 41.48 -1.89 -26.54
CA TYR E 94 42.47 -0.86 -26.84
C TYR E 94 43.88 -1.44 -26.71
N ARG E 95 44.73 -1.06 -27.67
CA ARG E 95 46.12 -1.46 -27.66
C ARG E 95 46.95 -0.36 -26.97
N THR E 96 47.89 -0.81 -26.13
CA THR E 96 48.90 0.03 -25.52
C THR E 96 48.35 0.48 -24.18
N GLU F 42 2.03 -18.05 -31.75
CA GLU F 42 2.31 -18.84 -32.99
C GLU F 42 3.54 -18.29 -33.72
N ASP F 43 3.49 -17.01 -34.10
CA ASP F 43 4.43 -16.40 -35.03
C ASP F 43 5.47 -15.58 -34.25
N PHE F 44 6.60 -16.21 -33.93
CA PHE F 44 7.66 -15.61 -33.11
C PHE F 44 8.60 -14.68 -33.89
N ARG F 45 8.35 -13.37 -33.89
CA ARG F 45 9.30 -12.41 -34.48
C ARG F 45 10.59 -12.34 -33.64
N SER F 46 11.75 -12.22 -34.31
CA SER F 46 13.04 -11.97 -33.67
C SER F 46 13.71 -10.74 -34.28
N GLY F 47 14.77 -10.25 -33.61
CA GLY F 47 15.59 -9.15 -34.10
C GLY F 47 14.97 -7.76 -33.96
N SER F 48 15.29 -6.88 -34.92
CA SER F 48 14.84 -5.49 -34.89
C SER F 48 13.35 -5.38 -35.18
N GLU F 49 12.77 -6.45 -35.77
CA GLU F 49 11.34 -6.56 -35.96
C GLU F 49 10.69 -6.56 -34.58
N ALA F 50 11.16 -7.49 -33.72
CA ALA F 50 10.74 -7.54 -32.33
C ALA F 50 11.00 -6.20 -31.63
N PHE F 51 12.17 -5.59 -31.85
CA PHE F 51 12.48 -4.33 -31.19
C PHE F 51 11.39 -3.33 -31.51
N ASP F 52 11.12 -3.14 -32.82
CA ASP F 52 10.09 -2.24 -33.30
C ASP F 52 8.74 -2.55 -32.62
N LEU F 53 8.36 -3.84 -32.58
CA LEU F 53 7.13 -4.28 -31.93
C LEU F 53 6.99 -3.65 -30.55
N ILE F 54 7.94 -3.97 -29.65
CA ILE F 54 7.86 -3.54 -28.26
C ILE F 54 7.85 -2.01 -28.19
N ALA F 55 8.70 -1.34 -29.00
CA ALA F 55 8.81 0.12 -28.97
C ALA F 55 7.49 0.79 -29.35
N GLN F 56 6.82 0.25 -30.38
CA GLN F 56 5.53 0.75 -30.84
C GLN F 56 4.51 0.58 -29.71
N ASP F 57 4.48 -0.62 -29.13
CA ASP F 57 3.57 -0.88 -28.02
C ASP F 57 3.76 0.16 -26.92
N GLU F 58 5.02 0.55 -26.60
CA GLU F 58 5.27 1.49 -25.52
C GLU F 58 4.76 2.89 -25.89
N GLU F 59 5.11 3.34 -27.09
CA GLU F 59 4.59 4.58 -27.65
C GLU F 59 3.07 4.63 -27.39
N GLU F 60 2.35 3.56 -27.79
CA GLU F 60 0.92 3.47 -27.59
C GLU F 60 0.59 3.58 -26.11
N PHE F 61 1.40 2.95 -25.23
CA PHE F 61 1.14 2.92 -23.79
C PHE F 61 0.86 4.32 -23.23
N ASN F 62 1.42 5.36 -23.84
CA ASN F 62 1.30 6.72 -23.34
C ASN F 62 -0.17 7.12 -23.25
N LYS F 63 -0.89 7.08 -24.38
CA LYS F 63 -2.31 7.38 -24.44
C LYS F 63 -3.04 6.75 -23.25
#